data_7KLI
#
_entry.id   7KLI
#
_cell.length_a   78.840
_cell.length_b   98.030
_cell.length_c   147.000
_cell.angle_alpha   90.000
_cell.angle_beta   90.000
_cell.angle_gamma   90.000
#
_symmetry.space_group_name_H-M   'P 21 21 21'
#
loop_
_entity.id
_entity.type
_entity.pdbx_description
1 polymer 'Enoyl-[acyl-carrier-protein] reductase [NADH]'
2 non-polymer 1,2-ETHANEDIOL
3 non-polymer 'SULFATE ION'
4 water water
#
_entity_poly.entity_id   1
_entity_poly.type   'polypeptide(L)'
_entity_poly.pdbx_seq_one_letter_code
;MAHHHHHHMAGLLEGKRILVTGIITDSSIAFHIAKVAQEQGAELVLTGFDRLRLIERITQRLPKPAPLLELDVQNEEHLG
SLAGRISEVIGEGNKLDGVVHSIGFMPQSGMGVNPFFDAPFADVSKGFHISAFSYSSLAKAVLPVMNRGGSIVGMDFDPT
RAMPAYNWMTVAKSALESVNRFVAREAGKVGVRSNLVAAGPIRTLAMSAIVGGALGDEAGQQMQLLEEGWDQRAPIGWDM
KDPTPVAKTVCALLSDWLPATTGDIIFADGGAHTQLL
;
_entity_poly.pdbx_strand_id   A,B,C,D
#
# COMPACT_ATOMS: atom_id res chain seq x y z
N MET A 9 35.22 -11.95 17.77
CA MET A 9 33.92 -12.58 17.59
C MET A 9 32.76 -11.58 17.78
N ALA A 10 32.91 -10.39 17.19
CA ALA A 10 32.15 -9.20 17.57
C ALA A 10 30.63 -9.42 17.54
N GLY A 11 29.97 -9.00 18.63
CA GLY A 11 28.53 -9.07 18.69
C GLY A 11 27.85 -8.01 17.85
N LEU A 12 26.59 -8.27 17.50
CA LEU A 12 25.86 -7.39 16.59
C LEU A 12 25.71 -5.99 17.17
N LEU A 13 25.60 -5.88 18.48
CA LEU A 13 25.39 -4.59 19.16
C LEU A 13 26.53 -4.28 20.10
N GLU A 14 27.75 -4.69 19.73
CA GLU A 14 28.91 -4.55 20.60
C GLU A 14 29.13 -3.09 20.98
N GLY A 15 29.14 -2.82 22.28
CA GLY A 15 29.41 -1.49 22.78
C GLY A 15 28.24 -0.53 22.72
N LYS A 16 27.10 -0.97 22.20
CA LYS A 16 25.97 -0.05 22.09
C LYS A 16 25.24 0.04 23.41
N ARG A 17 24.71 1.23 23.68
CA ARG A 17 23.92 1.51 24.88
C ARG A 17 22.47 1.66 24.43
N ILE A 18 21.60 0.81 24.97
CA ILE A 18 20.24 0.71 24.48
C ILE A 18 19.27 0.76 25.65
N LEU A 19 18.26 1.62 25.53
CA LEU A 19 17.17 1.68 26.49
C LEU A 19 16.06 0.76 26.04
N VAL A 20 15.54 -0.10 26.94
CA VAL A 20 14.46 -1.02 26.58
C VAL A 20 13.28 -0.80 27.52
N THR A 21 12.14 -0.41 26.95
CA THR A 21 10.87 -0.33 27.67
C THR A 21 10.09 -1.62 27.46
N GLY A 22 9.08 -1.81 28.31
CA GLY A 22 8.06 -2.81 28.05
C GLY A 22 8.28 -4.19 28.63
N ILE A 23 9.29 -4.38 29.48
CA ILE A 23 9.49 -5.67 30.13
C ILE A 23 8.47 -5.79 31.26
N ILE A 24 7.59 -6.78 31.16
CA ILE A 24 6.59 -7.07 32.17
C ILE A 24 6.80 -8.45 32.78
N THR A 25 7.03 -9.45 31.94
CA THR A 25 7.35 -10.81 32.37
C THR A 25 8.54 -11.29 31.56
N ASP A 26 9.04 -12.49 31.88
CA ASP A 26 10.06 -13.06 31.02
C ASP A 26 9.49 -13.62 29.73
N SER A 27 8.17 -13.51 29.53
CA SER A 27 7.57 -13.79 28.22
CA SER A 27 7.57 -13.79 28.23
C SER A 27 7.41 -12.55 27.36
N SER A 28 7.50 -11.35 27.94
CA SER A 28 7.35 -10.11 27.18
CA SER A 28 7.34 -10.12 27.17
C SER A 28 8.34 -10.07 26.02
N ILE A 29 7.88 -9.59 24.86
CA ILE A 29 8.81 -9.50 23.73
C ILE A 29 9.99 -8.63 24.10
N ALA A 30 9.77 -7.62 24.93
CA ALA A 30 10.87 -6.76 25.37
C ALA A 30 11.89 -7.53 26.18
N PHE A 31 11.46 -8.52 26.96
CA PHE A 31 12.43 -9.35 27.67
C PHE A 31 13.36 -10.05 26.69
N HIS A 32 12.78 -10.63 25.64
CA HIS A 32 13.61 -11.33 24.67
C HIS A 32 14.46 -10.36 23.86
N ILE A 33 13.95 -9.17 23.55
CA ILE A 33 14.77 -8.15 22.89
C ILE A 33 15.97 -7.82 23.76
N ALA A 34 15.72 -7.56 25.05
CA ALA A 34 16.83 -7.24 25.95
C ALA A 34 17.82 -8.40 26.04
N LYS A 35 17.31 -9.64 26.10
CA LYS A 35 18.20 -10.79 26.22
C LYS A 35 19.10 -10.91 25.01
N VAL A 36 18.53 -10.85 23.81
CA VAL A 36 19.36 -10.96 22.60
C VAL A 36 20.33 -9.78 22.53
N ALA A 37 19.88 -8.58 22.86
CA ALA A 37 20.77 -7.43 22.82
C ALA A 37 21.99 -7.64 23.72
N GLN A 38 21.77 -8.13 24.94
CA GLN A 38 22.90 -8.38 25.83
C GLN A 38 23.80 -9.47 25.30
N GLU A 39 23.21 -10.54 24.76
CA GLU A 39 24.02 -11.60 24.14
C GLU A 39 24.87 -11.05 23.01
N GLN A 40 24.42 -9.99 22.35
CA GLN A 40 25.14 -9.37 21.25
C GLN A 40 25.99 -8.19 21.69
N GLY A 41 26.24 -8.04 22.99
CA GLY A 41 27.20 -7.09 23.47
C GLY A 41 26.68 -5.73 23.89
N ALA A 42 25.35 -5.53 23.88
CA ALA A 42 24.80 -4.24 24.27
C ALA A 42 24.81 -4.07 25.77
N GLU A 43 24.87 -2.82 26.20
CA GLU A 43 24.68 -2.44 27.59
C GLU A 43 23.33 -1.76 27.71
N LEU A 44 22.49 -2.25 28.60
CA LEU A 44 21.09 -1.86 28.63
C LEU A 44 20.76 -0.93 29.80
N VAL A 45 19.77 -0.07 29.56
CA VAL A 45 19.01 0.62 30.60
C VAL A 45 17.57 0.19 30.40
N LEU A 46 16.90 -0.19 31.48
CA LEU A 46 15.54 -0.71 31.40
C LEU A 46 14.58 0.27 32.06
N THR A 47 13.31 0.21 31.68
CA THR A 47 12.32 1.03 32.34
C THR A 47 11.12 0.21 32.80
N GLY A 48 10.44 0.73 33.81
CA GLY A 48 9.17 0.14 34.19
C GLY A 48 8.34 1.16 34.95
N PHE A 49 7.08 0.83 35.15
CA PHE A 49 6.24 1.69 35.97
C PHE A 49 5.36 0.86 36.89
N ASP A 50 4.39 0.16 36.30
CA ASP A 50 3.54 -0.71 37.09
C ASP A 50 4.28 -1.98 37.47
N ARG A 51 4.12 -2.40 38.74
CA ARG A 51 4.78 -3.58 39.30
C ARG A 51 6.31 -3.46 39.24
N LEU A 52 6.83 -2.33 39.75
CA LEU A 52 8.27 -2.09 39.65
C LEU A 52 9.08 -3.18 40.36
N ARG A 53 8.64 -3.59 41.56
CA ARG A 53 9.35 -4.65 42.27
C ARG A 53 9.35 -5.94 41.46
N LEU A 54 8.21 -6.28 40.84
CA LEU A 54 8.17 -7.45 39.98
C LEU A 54 9.14 -7.31 38.82
N ILE A 55 9.15 -6.14 38.18
CA ILE A 55 10.04 -5.95 37.04
CA ILE A 55 10.04 -5.95 37.04
C ILE A 55 11.49 -6.13 37.44
N GLU A 56 11.85 -5.65 38.64
CA GLU A 56 13.23 -5.80 39.09
C GLU A 56 13.59 -7.28 39.21
N ARG A 57 12.69 -8.09 39.78
CA ARG A 57 12.95 -9.53 39.88
C ARG A 57 13.00 -10.17 38.49
N ILE A 58 12.16 -9.70 37.58
CA ILE A 58 12.16 -10.22 36.22
C ILE A 58 13.48 -9.87 35.53
N THR A 59 13.91 -8.62 35.65
CA THR A 59 15.11 -8.21 34.91
C THR A 59 16.37 -8.92 35.43
N GLN A 60 16.33 -9.49 36.63
CA GLN A 60 17.47 -10.26 37.12
C GLN A 60 17.64 -11.58 36.38
N ARG A 61 16.64 -12.03 35.63
CA ARG A 61 16.76 -13.24 34.83
C ARG A 61 17.44 -12.99 33.49
N LEU A 62 17.68 -11.73 33.12
CA LEU A 62 18.43 -11.44 31.91
C LEU A 62 19.87 -11.91 32.04
N PRO A 63 20.58 -12.07 30.92
CA PRO A 63 21.98 -12.51 31.00
C PRO A 63 22.87 -11.62 31.84
N LYS A 64 22.69 -10.30 31.80
CA LYS A 64 23.59 -9.34 32.44
C LYS A 64 22.81 -8.31 33.25
N PRO A 65 23.42 -7.75 34.29
CA PRO A 65 22.71 -6.74 35.08
C PRO A 65 22.42 -5.51 34.24
N ALA A 66 21.32 -4.85 34.58
CA ALA A 66 20.93 -3.66 33.90
C ALA A 66 20.13 -2.81 34.86
N PRO A 67 20.42 -1.52 34.95
CA PRO A 67 19.67 -0.65 35.85
C PRO A 67 18.25 -0.40 35.33
N LEU A 68 17.34 -0.14 36.27
CA LEU A 68 15.92 0.03 36.00
C LEU A 68 15.50 1.44 36.41
N LEU A 69 14.93 2.19 35.47
CA LEU A 69 14.41 3.53 35.72
C LEU A 69 12.89 3.54 35.68
N GLU A 70 12.26 4.34 36.54
CA GLU A 70 10.81 4.47 36.51
C GLU A 70 10.38 5.34 35.33
N LEU A 71 9.40 4.86 34.56
CA LEU A 71 8.90 5.66 33.45
C LEU A 71 7.45 5.28 33.18
N ASP A 72 6.54 6.16 33.59
CA ASP A 72 5.15 6.15 33.15
C ASP A 72 5.11 7.04 31.91
N VAL A 73 4.90 6.44 30.72
CA VAL A 73 4.97 7.22 29.49
C VAL A 73 3.83 8.19 29.33
N GLN A 74 2.85 8.19 30.22
CA GLN A 74 1.81 9.20 30.25
C GLN A 74 2.14 10.36 31.19
N ASN A 75 3.24 10.26 31.92
CA ASN A 75 3.59 11.23 32.95
C ASN A 75 4.62 12.19 32.38
N GLU A 76 4.22 13.45 32.18
CA GLU A 76 5.11 14.40 31.51
C GLU A 76 6.32 14.75 32.38
N GLU A 77 6.19 14.64 33.69
CA GLU A 77 7.35 14.85 34.56
C GLU A 77 8.36 13.71 34.40
N HIS A 78 7.89 12.46 34.32
CA HIS A 78 8.79 11.34 34.07
C HIS A 78 9.50 11.48 32.73
N LEU A 79 8.74 11.86 31.70
CA LEU A 79 9.32 12.04 30.38
C LEU A 79 10.36 13.16 30.40
N GLY A 80 10.01 14.28 31.03
CA GLY A 80 10.90 15.42 31.03
C GLY A 80 12.19 15.19 31.80
N SER A 81 12.16 14.34 32.82
CA SER A 81 13.38 14.04 33.57
C SER A 81 14.15 12.87 33.01
N LEU A 82 13.60 12.20 32.00
CA LEU A 82 14.16 10.92 31.56
C LEU A 82 15.57 11.07 31.01
N ALA A 83 15.81 12.11 30.20
CA ALA A 83 17.12 12.23 29.59
C ALA A 83 18.18 12.41 30.67
N GLY A 84 17.89 13.23 31.67
CA GLY A 84 18.85 13.47 32.73
C GLY A 84 19.11 12.22 33.55
N ARG A 85 18.05 11.43 33.78
CA ARG A 85 18.20 10.19 34.54
C ARG A 85 18.95 9.13 33.75
N ILE A 86 18.80 9.13 32.42
CA ILE A 86 19.62 8.26 31.58
C ILE A 86 21.09 8.68 31.68
N SER A 87 21.35 9.99 31.61
CA SER A 87 22.73 10.47 31.70
C SER A 87 23.39 10.08 33.02
N GLU A 88 22.61 10.03 34.11
CA GLU A 88 23.17 9.59 35.39
C GLU A 88 23.63 8.15 35.32
N VAL A 89 22.86 7.31 34.63
CA VAL A 89 23.18 5.90 34.48
C VAL A 89 24.44 5.70 33.66
N ILE A 90 24.50 6.32 32.48
CA ILE A 90 25.51 5.96 31.50
C ILE A 90 26.71 6.91 31.49
N GLY A 91 26.62 8.05 32.18
CA GLY A 91 27.64 9.11 32.10
C GLY A 91 27.24 10.30 31.22
N GLU A 92 27.45 11.52 31.74
CA GLU A 92 27.06 12.73 31.02
CA GLU A 92 27.03 12.71 31.01
C GLU A 92 27.74 12.81 29.66
N GLY A 93 28.94 12.26 29.53
CA GLY A 93 29.58 12.26 28.24
C GLY A 93 29.16 11.16 27.30
N ASN A 94 28.34 10.21 27.76
CA ASN A 94 27.88 9.14 26.89
C ASN A 94 26.44 9.39 26.46
N LYS A 95 26.04 8.75 25.35
CA LYS A 95 24.68 8.84 24.86
C LYS A 95 24.21 7.46 24.50
N LEU A 96 22.90 7.32 24.34
CA LEU A 96 22.31 6.05 23.91
C LEU A 96 22.46 5.85 22.41
N ASP A 97 22.63 4.60 22.01
CA ASP A 97 22.60 4.23 20.60
C ASP A 97 21.27 3.70 20.13
N GLY A 98 20.43 3.25 21.05
CA GLY A 98 19.19 2.59 20.68
C GLY A 98 18.15 2.75 21.76
N VAL A 99 16.90 2.78 21.33
CA VAL A 99 15.75 2.89 22.21
C VAL A 99 14.68 1.97 21.66
N VAL A 100 14.09 1.16 22.52
CA VAL A 100 13.03 0.23 22.12
C VAL A 100 11.74 0.64 22.82
N HIS A 101 10.72 0.99 22.03
CA HIS A 101 9.37 1.21 22.53
C HIS A 101 8.59 -0.10 22.38
N SER A 102 8.26 -0.76 23.48
CA SER A 102 7.49 -2.01 23.43
C SER A 102 6.35 -1.91 24.44
N ILE A 103 5.54 -0.89 24.25
CA ILE A 103 4.44 -0.54 25.14
C ILE A 103 3.19 -0.49 24.27
N GLY A 104 2.28 -1.42 24.51
CA GLY A 104 1.01 -1.37 23.82
C GLY A 104 -0.07 -1.69 24.82
N PHE A 105 -1.03 -0.78 25.01
CA PHE A 105 -2.14 -1.07 25.89
C PHE A 105 -3.39 -0.45 25.31
N MET A 106 -4.46 -1.22 25.25
CA MET A 106 -5.77 -0.71 24.85
C MET A 106 -6.75 -1.33 25.83
N PRO A 107 -7.56 -0.54 26.53
CA PRO A 107 -8.56 -1.13 27.44
C PRO A 107 -9.38 -2.18 26.71
N GLN A 108 -9.80 -3.21 27.45
CA GLN A 108 -10.43 -4.37 26.83
C GLN A 108 -11.66 -4.00 26.02
N SER A 109 -12.32 -2.87 26.33
CA SER A 109 -13.48 -2.45 25.53
CA SER A 109 -13.47 -2.41 25.55
C SER A 109 -13.10 -2.16 24.10
N GLY A 110 -11.82 -1.89 23.83
CA GLY A 110 -11.33 -1.61 22.50
C GLY A 110 -10.74 -2.80 21.81
N MET A 111 -10.76 -3.98 22.47
CA MET A 111 -10.12 -5.20 21.98
C MET A 111 -11.06 -6.39 22.02
N GLY A 112 -12.35 -6.15 21.79
CA GLY A 112 -13.26 -7.21 21.39
C GLY A 112 -14.11 -7.85 22.47
N VAL A 113 -14.01 -7.40 23.73
CA VAL A 113 -14.89 -7.97 24.74
C VAL A 113 -16.32 -7.46 24.62
N ASN A 114 -16.53 -6.42 23.81
CA ASN A 114 -17.83 -5.88 23.43
C ASN A 114 -17.70 -5.46 21.97
N PRO A 115 -18.84 -5.27 21.29
CA PRO A 115 -18.80 -4.83 19.89
C PRO A 115 -18.01 -3.54 19.73
N PHE A 116 -17.45 -3.37 18.52
CA PHE A 116 -16.61 -2.24 18.17
C PHE A 116 -17.27 -0.91 18.53
N PHE A 117 -18.55 -0.75 18.18
CA PHE A 117 -19.21 0.54 18.38
C PHE A 117 -19.41 0.88 19.85
N ASP A 118 -19.35 -0.09 20.76
CA ASP A 118 -19.65 0.17 22.18
C ASP A 118 -18.46 0.69 22.96
N ALA A 119 -17.26 0.65 22.40
CA ALA A 119 -16.07 1.12 23.11
C ALA A 119 -16.23 2.60 23.44
N PRO A 120 -16.13 3.01 24.69
CA PRO A 120 -16.28 4.44 25.00
C PRO A 120 -15.04 5.24 24.64
N PHE A 121 -15.28 6.52 24.32
CA PHE A 121 -14.16 7.34 23.86
C PHE A 121 -13.03 7.38 24.88
N ALA A 122 -13.36 7.47 26.17
CA ALA A 122 -12.32 7.62 27.17
C ALA A 122 -11.39 6.41 27.17
N ASP A 123 -11.94 5.22 26.93
CA ASP A 123 -11.11 4.03 26.87
C ASP A 123 -10.21 4.07 25.64
N VAL A 124 -10.78 4.40 24.49
CA VAL A 124 -10.02 4.41 23.24
C VAL A 124 -8.92 5.46 23.29
N SER A 125 -9.24 6.65 23.81
CA SER A 125 -8.22 7.70 23.92
C SER A 125 -7.06 7.24 24.78
N LYS A 126 -7.34 6.57 25.92
CA LYS A 126 -6.25 6.06 26.76
C LYS A 126 -5.35 5.11 25.99
N GLY A 127 -5.94 4.19 25.21
CA GLY A 127 -5.15 3.30 24.39
C GLY A 127 -4.38 3.99 23.28
N PHE A 128 -4.97 5.01 22.67
CA PHE A 128 -4.25 5.84 21.69
C PHE A 128 -3.06 6.51 22.36
N HIS A 129 -3.27 7.04 23.58
CA HIS A 129 -2.19 7.68 24.32
C HIS A 129 -1.02 6.73 24.52
N ILE A 130 -1.31 5.55 25.09
CA ILE A 130 -0.24 4.63 25.44
C ILE A 130 0.35 3.97 24.22
N SER A 131 -0.50 3.58 23.27
CA SER A 131 0.01 2.75 22.17
C SER A 131 0.52 3.53 20.96
N ALA A 132 0.13 4.80 20.81
CA ALA A 132 0.52 5.54 19.62
C ALA A 132 1.21 6.86 19.99
N PHE A 133 0.51 7.70 20.75
CA PHE A 133 1.06 9.01 21.11
C PHE A 133 2.38 8.87 21.87
N SER A 134 2.49 7.87 22.76
CA SER A 134 3.69 7.79 23.59
C SER A 134 4.93 7.38 22.80
N TYR A 135 4.77 6.88 21.57
CA TYR A 135 5.95 6.65 20.75
C TYR A 135 6.63 7.98 20.45
N SER A 136 5.83 9.00 20.12
CA SER A 136 6.36 10.35 19.96
C SER A 136 6.88 10.91 21.28
N SER A 137 6.15 10.71 22.38
CA SER A 137 6.60 11.24 23.68
C SER A 137 7.95 10.68 24.06
N LEU A 138 8.11 9.36 23.93
CA LEU A 138 9.38 8.74 24.29
C LEU A 138 10.49 9.26 23.40
N ALA A 139 10.22 9.37 22.10
CA ALA A 139 11.26 9.88 21.19
C ALA A 139 11.68 11.28 21.57
N LYS A 140 10.71 12.15 21.85
CA LYS A 140 11.05 13.50 22.30
C LYS A 140 11.94 13.47 23.53
N ALA A 141 11.64 12.59 24.47
CA ALA A 141 12.36 12.56 25.73
C ALA A 141 13.77 11.99 25.59
N VAL A 142 14.00 11.09 24.64
CA VAL A 142 15.28 10.37 24.57
CA VAL A 142 15.28 10.37 24.58
C VAL A 142 16.21 10.99 23.55
N LEU A 143 15.67 11.59 22.50
CA LEU A 143 16.54 12.09 21.43
C LEU A 143 17.67 13.02 21.88
N PRO A 144 17.50 13.90 22.88
CA PRO A 144 18.65 14.74 23.29
C PRO A 144 19.82 13.95 23.81
N VAL A 145 19.64 12.67 24.18
CA VAL A 145 20.76 11.86 24.64
C VAL A 145 20.97 10.66 23.73
N MET A 146 20.73 10.83 22.43
CA MET A 146 20.99 9.76 21.48
C MET A 146 22.08 10.16 20.50
N ASN A 147 22.91 9.17 20.15
CA ASN A 147 24.01 9.39 19.22
C ASN A 147 23.51 9.45 17.78
N ARG A 148 24.21 10.22 16.96
CA ARG A 148 24.00 10.16 15.51
C ARG A 148 24.22 8.74 15.02
N GLY A 149 23.38 8.30 14.10
CA GLY A 149 23.39 6.92 13.70
C GLY A 149 22.58 6.01 14.60
N GLY A 150 22.01 6.52 15.68
CA GLY A 150 21.24 5.73 16.62
C GLY A 150 19.90 5.28 16.02
N SER A 151 19.13 4.56 16.84
CA SER A 151 17.96 3.86 16.32
C SER A 151 16.87 3.76 17.38
N ILE A 152 15.66 4.22 17.03
CA ILE A 152 14.48 4.04 17.86
C ILE A 152 13.60 3.01 17.16
N VAL A 153 13.15 2.00 17.90
CA VAL A 153 12.33 0.92 17.32
C VAL A 153 11.08 0.74 18.16
N GLY A 154 9.92 0.71 17.49
CA GLY A 154 8.66 0.41 18.18
C GLY A 154 8.05 -0.87 17.67
N MET A 155 7.08 -1.42 18.39
CA MET A 155 6.45 -2.69 18.02
C MET A 155 5.09 -2.43 17.40
N ASP A 156 4.85 -3.07 16.26
CA ASP A 156 3.65 -2.89 15.46
C ASP A 156 2.92 -4.23 15.28
N PHE A 157 1.65 -4.15 14.94
CA PHE A 157 0.89 -5.32 14.50
C PHE A 157 0.10 -4.83 13.32
N ASP A 158 0.39 -5.39 12.16
CA ASP A 158 -0.11 -4.90 10.87
C ASP A 158 -1.58 -4.52 10.89
N PRO A 159 -1.90 -3.23 10.76
CA PRO A 159 -3.29 -2.78 10.85
C PRO A 159 -3.85 -2.36 9.50
N THR A 160 -3.19 -2.77 8.40
CA THR A 160 -3.62 -2.36 7.07
C THR A 160 -5.04 -2.83 6.76
N ARG A 161 -5.45 -3.93 7.37
CA ARG A 161 -6.79 -4.49 7.18
CA ARG A 161 -6.80 -4.46 7.18
C ARG A 161 -7.46 -4.69 8.54
N ALA A 162 -8.78 -4.49 8.56
CA ALA A 162 -9.55 -4.74 9.77
C ALA A 162 -9.52 -6.23 10.08
N MET A 163 -9.52 -6.56 11.37
CA MET A 163 -9.40 -7.93 11.83
C MET A 163 -10.42 -8.15 12.94
N PRO A 164 -10.81 -9.39 13.19
CA PRO A 164 -11.69 -9.66 14.33
C PRO A 164 -11.02 -9.30 15.64
N ALA A 165 -11.83 -8.79 16.58
CA ALA A 165 -11.50 -8.52 17.98
C ALA A 165 -10.48 -7.40 18.22
N TYR A 166 -9.44 -7.29 17.38
CA TYR A 166 -8.38 -6.32 17.68
C TYR A 166 -8.87 -4.88 17.59
N ASN A 167 -9.90 -4.63 16.75
CA ASN A 167 -10.77 -3.46 16.88
C ASN A 167 -9.98 -2.16 17.08
N TRP A 168 -10.14 -1.48 18.21
CA TRP A 168 -9.53 -0.17 18.36
C TRP A 168 -8.03 -0.24 18.59
N MET A 169 -7.49 -1.39 19.00
CA MET A 169 -6.03 -1.46 19.05
C MET A 169 -5.46 -1.41 17.64
N THR A 170 -6.16 -2.02 16.68
CA THR A 170 -5.77 -1.92 15.28
C THR A 170 -5.77 -0.47 14.83
N VAL A 171 -6.80 0.29 15.22
CA VAL A 171 -6.83 1.72 14.92
C VAL A 171 -5.63 2.42 15.56
N ALA A 172 -5.32 2.08 16.80
CA ALA A 172 -4.16 2.69 17.45
C ALA A 172 -2.87 2.36 16.71
N LYS A 173 -2.75 1.13 16.19
CA LYS A 173 -1.54 0.76 15.47
C LYS A 173 -1.44 1.50 14.14
N SER A 174 -2.58 1.70 13.46
CA SER A 174 -2.59 2.56 12.28
C SER A 174 -2.06 3.94 12.62
N ALA A 175 -2.54 4.50 13.74
CA ALA A 175 -2.05 5.81 14.19
C ALA A 175 -0.56 5.74 14.50
N LEU A 176 -0.12 4.65 15.16
CA LEU A 176 1.29 4.51 15.49
C LEU A 176 2.16 4.54 14.24
N GLU A 177 1.74 3.85 13.18
CA GLU A 177 2.53 3.87 11.95
C GLU A 177 2.69 5.29 11.43
N SER A 178 1.63 6.07 11.51
CA SER A 178 1.71 7.47 11.08
C SER A 178 2.63 8.28 12.00
N VAL A 179 2.52 8.10 13.31
CA VAL A 179 3.41 8.76 14.26
C VAL A 179 4.86 8.44 13.93
N ASN A 180 5.14 7.16 13.66
CA ASN A 180 6.52 6.74 13.36
C ASN A 180 7.10 7.54 12.19
N ARG A 181 6.30 7.84 11.17
CA ARG A 181 6.85 8.57 10.03
C ARG A 181 7.19 10.00 10.41
N PHE A 182 6.43 10.59 11.32
CA PHE A 182 6.75 11.93 11.81
C PHE A 182 7.90 11.91 12.82
N VAL A 183 7.96 10.89 13.68
CA VAL A 183 9.13 10.79 14.54
C VAL A 183 10.39 10.67 13.70
N ALA A 184 10.30 9.90 12.61
CA ALA A 184 11.45 9.78 11.71
C ALA A 184 11.90 11.15 11.22
N ARG A 185 10.96 12.03 10.89
CA ARG A 185 11.35 13.37 10.46
CA ARG A 185 11.32 13.39 10.49
C ARG A 185 12.11 14.10 11.56
N GLU A 186 11.57 14.08 12.78
CA GLU A 186 12.22 14.79 13.87
C GLU A 186 13.54 14.13 14.25
N ALA A 187 13.54 12.80 14.33
CA ALA A 187 14.77 12.10 14.71
C ALA A 187 15.86 12.30 13.67
N GLY A 188 15.46 12.36 12.38
CA GLY A 188 16.44 12.51 11.32
C GLY A 188 17.25 13.78 11.41
N LYS A 189 16.68 14.82 12.01
CA LYS A 189 17.41 16.07 12.17
C LYS A 189 18.66 15.91 13.03
N VAL A 190 18.71 14.91 13.90
CA VAL A 190 19.89 14.63 14.72
C VAL A 190 20.51 13.28 14.38
N GLY A 191 20.24 12.77 13.18
CA GLY A 191 20.94 11.59 12.68
C GLY A 191 20.39 10.28 13.17
N VAL A 192 19.19 10.27 13.74
CA VAL A 192 18.65 9.09 14.38
C VAL A 192 17.53 8.48 13.52
N ARG A 193 17.49 7.14 13.46
CA ARG A 193 16.47 6.43 12.71
C ARG A 193 15.29 6.07 13.62
N SER A 194 14.12 5.90 13.01
CA SER A 194 12.92 5.46 13.75
C SER A 194 12.18 4.48 12.87
N ASN A 195 11.93 3.28 13.38
CA ASN A 195 11.24 2.26 12.59
C ASN A 195 10.37 1.41 13.51
N LEU A 196 9.39 0.73 12.92
CA LEU A 196 8.56 -0.23 13.63
C LEU A 196 8.85 -1.62 13.11
N VAL A 197 8.72 -2.61 13.99
CA VAL A 197 8.69 -4.01 13.59
C VAL A 197 7.25 -4.51 13.69
N ALA A 198 6.70 -4.93 12.56
CA ALA A 198 5.36 -5.52 12.53
C ALA A 198 5.52 -7.02 12.76
N ALA A 199 5.28 -7.44 13.98
CA ALA A 199 5.48 -8.82 14.37
C ALA A 199 4.24 -9.66 14.08
N GLY A 200 4.46 -10.92 13.75
CA GLY A 200 3.38 -11.87 13.78
C GLY A 200 2.93 -12.07 15.21
N PRO A 201 1.80 -12.76 15.40
CA PRO A 201 1.26 -12.92 16.76
C PRO A 201 2.10 -13.89 17.59
N ILE A 202 2.32 -13.50 18.85
CA ILE A 202 3.06 -14.33 19.80
C ILE A 202 2.13 -14.64 20.95
N ARG A 203 2.03 -15.93 21.30
CA ARG A 203 1.17 -16.43 22.38
C ARG A 203 1.68 -15.96 23.74
N ALA A 214 -11.65 -22.97 30.10
CA ALA A 214 -12.60 -23.08 31.21
C ALA A 214 -13.09 -21.69 31.63
N LEU A 215 -12.20 -20.72 31.51
CA LEU A 215 -12.55 -19.30 31.57
C LEU A 215 -12.18 -18.59 30.28
N GLY A 216 -11.83 -19.33 29.23
CA GLY A 216 -11.69 -18.73 27.93
C GLY A 216 -12.97 -18.03 27.52
N ASP A 217 -12.82 -16.93 26.79
CA ASP A 217 -13.95 -16.07 26.45
C ASP A 217 -13.85 -15.66 24.99
N GLU A 218 -14.90 -14.96 24.54
CA GLU A 218 -15.14 -14.77 23.12
C GLU A 218 -13.99 -14.05 22.42
N ALA A 219 -13.55 -12.91 22.98
CA ALA A 219 -12.49 -12.14 22.30
C ALA A 219 -11.25 -12.98 22.08
N GLY A 220 -10.83 -13.71 23.12
CA GLY A 220 -9.65 -14.55 23.01
C GLY A 220 -9.81 -15.65 21.97
N GLN A 221 -11.01 -16.21 21.88
CA GLN A 221 -11.27 -17.26 20.89
C GLN A 221 -11.22 -16.69 19.47
N GLN A 222 -11.83 -15.54 19.25
CA GLN A 222 -11.70 -14.85 17.96
C GLN A 222 -10.25 -14.59 17.61
N MET A 223 -9.48 -14.10 18.59
CA MET A 223 -8.08 -13.79 18.31
C MET A 223 -7.29 -15.05 17.98
N GLN A 224 -7.55 -16.14 18.70
CA GLN A 224 -6.82 -17.37 18.43
C GLN A 224 -7.06 -17.85 17.00
N LEU A 225 -8.32 -17.90 16.58
CA LEU A 225 -8.64 -18.34 15.23
C LEU A 225 -7.94 -17.47 14.20
N LEU A 226 -8.02 -16.15 14.37
CA LEU A 226 -7.32 -15.23 13.48
C LEU A 226 -5.81 -15.48 13.48
N GLU A 227 -5.23 -15.70 14.67
CA GLU A 227 -3.78 -15.76 14.77
C GLU A 227 -3.22 -17.04 14.19
N GLU A 228 -4.00 -18.12 14.22
CA GLU A 228 -3.57 -19.40 13.63
C GLU A 228 -3.42 -19.31 12.11
N GLY A 229 -3.96 -18.27 11.48
CA GLY A 229 -3.77 -18.11 10.05
C GLY A 229 -2.37 -17.73 9.64
N TRP A 230 -1.57 -17.15 10.55
CA TRP A 230 -0.21 -16.77 10.17
C TRP A 230 0.60 -17.99 9.73
N ASP A 231 0.57 -19.07 10.51
CA ASP A 231 1.38 -20.22 10.12
C ASP A 231 0.90 -20.83 8.81
N GLN A 232 -0.39 -20.68 8.50
CA GLN A 232 -0.93 -21.24 7.28
C GLN A 232 -0.42 -20.49 6.05
N ARG A 233 -0.34 -19.15 6.15
CA ARG A 233 0.04 -18.24 5.06
C ARG A 233 1.54 -18.10 4.91
N ALA A 234 2.27 -18.19 6.01
CA ALA A 234 3.68 -17.80 6.03
C ALA A 234 4.51 -18.76 5.20
N PRO A 235 5.20 -18.30 4.14
CA PRO A 235 5.99 -19.24 3.34
C PRO A 235 6.98 -20.04 4.14
N ILE A 236 7.52 -19.48 5.22
CA ILE A 236 8.49 -20.17 6.06
C ILE A 236 7.86 -20.63 7.37
N GLY A 237 6.54 -20.55 7.48
CA GLY A 237 5.86 -20.90 8.71
C GLY A 237 5.95 -19.78 9.72
N TRP A 238 5.17 -19.93 10.79
CA TRP A 238 5.16 -18.95 11.88
C TRP A 238 4.90 -19.71 13.17
N ASP A 239 5.79 -19.57 14.14
CA ASP A 239 5.70 -20.27 15.41
C ASP A 239 5.25 -19.25 16.45
N MET A 240 3.98 -19.29 16.83
CA MET A 240 3.47 -18.32 17.81
C MET A 240 4.10 -18.49 19.18
N LYS A 241 4.81 -19.59 19.44
CA LYS A 241 5.43 -19.78 20.73
C LYS A 241 6.87 -19.29 20.78
N ASP A 242 7.39 -18.78 19.67
CA ASP A 242 8.81 -18.44 19.54
C ASP A 242 8.98 -16.94 19.36
N PRO A 243 9.34 -16.19 20.41
CA PRO A 243 9.56 -14.75 20.23
C PRO A 243 10.91 -14.41 19.66
N THR A 244 11.83 -15.37 19.58
CA THR A 244 13.19 -15.05 19.17
C THR A 244 13.31 -14.39 17.80
N PRO A 245 12.62 -14.86 16.73
CA PRO A 245 12.77 -14.19 15.44
C PRO A 245 12.41 -12.72 15.47
N VAL A 246 11.39 -12.37 16.26
CA VAL A 246 11.00 -10.96 16.39
C VAL A 246 12.08 -10.19 17.13
N ALA A 247 12.59 -10.75 18.23
CA ALA A 247 13.65 -10.10 19.00
C ALA A 247 14.87 -9.84 18.12
N LYS A 248 15.27 -10.82 17.31
CA LYS A 248 16.43 -10.63 16.44
C LYS A 248 16.19 -9.51 15.44
N THR A 249 14.97 -9.42 14.91
CA THR A 249 14.65 -8.39 13.93
C THR A 249 14.75 -7.00 14.54
N VAL A 250 14.27 -6.84 15.78
CA VAL A 250 14.44 -5.57 16.48
C VAL A 250 15.92 -5.27 16.62
N CYS A 251 16.70 -6.29 17.03
CA CYS A 251 18.15 -6.06 17.16
C CYS A 251 18.79 -5.72 15.82
N ALA A 252 18.30 -6.30 14.72
CA ALA A 252 18.78 -5.89 13.39
C ALA A 252 18.58 -4.40 13.17
N LEU A 253 17.41 -3.87 13.57
CA LEU A 253 17.16 -2.44 13.37
C LEU A 253 17.98 -1.57 14.32
N LEU A 254 18.28 -2.08 15.53
CA LEU A 254 19.14 -1.37 16.48
C LEU A 254 20.58 -1.34 16.01
N SER A 255 20.97 -2.27 15.15
CA SER A 255 22.35 -2.39 14.70
C SER A 255 22.66 -1.34 13.63
N ASP A 256 23.88 -1.39 13.12
CA ASP A 256 24.29 -0.49 12.06
C ASP A 256 24.09 -1.11 10.68
N TRP A 257 23.32 -2.21 10.59
CA TRP A 257 23.19 -2.97 9.35
C TRP A 257 21.96 -2.57 8.53
N LEU A 258 21.09 -1.71 9.05
CA LEU A 258 20.02 -1.10 8.25
C LEU A 258 20.12 0.42 8.39
N PRO A 259 21.23 1.00 7.94
CA PRO A 259 21.53 2.41 8.25
C PRO A 259 20.81 3.40 7.38
N ALA A 260 20.20 2.95 6.28
CA ALA A 260 19.44 3.84 5.40
C ALA A 260 17.93 3.58 5.46
N THR A 261 17.44 2.91 6.49
CA THR A 261 16.03 2.62 6.68
C THR A 261 15.50 3.49 7.81
N THR A 262 14.51 4.33 7.52
CA THR A 262 13.87 5.09 8.59
C THR A 262 12.48 5.49 8.15
N GLY A 263 11.64 5.80 9.14
CA GLY A 263 10.20 6.00 8.90
C GLY A 263 9.45 4.76 8.48
N ASP A 264 10.04 3.58 8.67
CA ASP A 264 9.61 2.38 7.96
C ASP A 264 9.05 1.31 8.91
N ILE A 265 8.59 0.22 8.29
CA ILE A 265 7.94 -0.90 8.96
C ILE A 265 8.58 -2.16 8.42
N ILE A 266 9.23 -2.91 9.28
CA ILE A 266 9.87 -4.17 8.91
CA ILE A 266 9.88 -4.18 8.92
C ILE A 266 9.03 -5.30 9.47
N PHE A 267 8.65 -6.25 8.60
CA PHE A 267 7.76 -7.34 8.98
C PHE A 267 8.56 -8.55 9.44
N ALA A 268 8.22 -9.04 10.62
CA ALA A 268 8.83 -10.25 11.19
C ALA A 268 7.64 -11.16 11.47
N ASP A 269 7.11 -11.75 10.38
CA ASP A 269 5.83 -12.45 10.45
C ASP A 269 5.84 -13.72 9.61
N GLY A 270 7.02 -14.26 9.27
CA GLY A 270 7.09 -15.45 8.43
C GLY A 270 6.74 -15.20 6.98
N GLY A 271 6.58 -13.94 6.58
CA GLY A 271 6.06 -13.61 5.27
C GLY A 271 4.55 -13.67 5.14
N ALA A 272 3.82 -13.87 6.25
CA ALA A 272 2.38 -14.07 6.16
C ALA A 272 1.67 -12.92 5.46
N HIS A 273 2.12 -11.67 5.66
CA HIS A 273 1.38 -10.55 5.08
C HIS A 273 1.57 -10.42 3.58
N THR A 274 2.44 -11.22 2.97
CA THR A 274 2.71 -11.17 1.54
C THR A 274 1.88 -12.19 0.77
N GLN A 275 1.06 -12.96 1.47
CA GLN A 275 0.37 -14.09 0.87
C GLN A 275 -1.11 -14.01 1.22
N LEU A 276 -1.98 -14.40 0.29
N LEU A 276 -1.93 -14.36 0.25
CA LEU A 276 -3.39 -14.38 0.63
CA LEU A 276 -3.35 -14.58 0.43
C LEU A 276 -3.83 -15.72 1.24
C LEU A 276 -3.63 -16.08 0.33
N LEU A 277 -3.26 -16.80 0.74
N LEU A 277 -4.76 -16.49 0.90
CA LEU A 277 -3.46 -18.16 1.23
CA LEU A 277 -5.23 -17.87 0.80
C LEU A 277 -2.16 -18.93 1.03
C LEU A 277 -6.75 -17.82 0.87
N GLY B 11 32.16 -12.14 12.24
CA GLY B 11 31.51 -11.22 11.33
C GLY B 11 30.04 -11.53 11.10
N LEU B 12 29.34 -10.60 10.46
CA LEU B 12 27.90 -10.74 10.29
C LEU B 12 27.54 -11.98 9.48
N LEU B 13 28.40 -12.37 8.55
CA LEU B 13 28.15 -13.49 7.66
C LEU B 13 29.24 -14.55 7.83
N GLU B 14 29.77 -14.67 9.04
CA GLU B 14 30.91 -15.55 9.27
C GLU B 14 30.58 -16.98 8.83
N GLY B 15 31.41 -17.52 7.93
CA GLY B 15 31.25 -18.88 7.47
C GLY B 15 30.21 -19.10 6.39
N LYS B 16 29.38 -18.11 6.08
CA LYS B 16 28.31 -18.33 5.10
C LYS B 16 28.88 -18.35 3.69
N ARG B 17 28.32 -19.23 2.86
CA ARG B 17 28.69 -19.33 1.45
C ARG B 17 27.63 -18.60 0.62
N ILE B 18 28.06 -17.63 -0.17
CA ILE B 18 27.11 -16.71 -0.82
C ILE B 18 27.49 -16.55 -2.28
N LEU B 19 26.51 -16.74 -3.16
CA LEU B 19 26.67 -16.50 -4.58
C LEU B 19 26.24 -15.08 -4.90
N VAL B 20 27.10 -14.33 -5.61
CA VAL B 20 26.79 -12.94 -5.95
C VAL B 20 26.83 -12.79 -7.47
N THR B 21 25.69 -12.44 -8.05
CA THR B 21 25.57 -12.11 -9.46
C THR B 21 25.69 -10.59 -9.63
N GLY B 22 25.92 -10.15 -10.87
CA GLY B 22 25.76 -8.74 -11.19
C GLY B 22 26.96 -7.84 -11.00
N ILE B 23 28.15 -8.38 -10.71
CA ILE B 23 29.35 -7.54 -10.68
C ILE B 23 29.77 -7.21 -12.11
N ILE B 24 29.72 -5.94 -12.47
CA ILE B 24 30.19 -5.46 -13.77
C ILE B 24 31.42 -4.58 -13.62
N THR B 25 31.35 -3.58 -12.75
CA THR B 25 32.45 -2.66 -12.51
C THR B 25 32.68 -2.61 -11.01
N ASP B 26 33.75 -1.96 -10.56
CA ASP B 26 33.89 -1.88 -9.11
C ASP B 26 33.03 -0.78 -8.50
N SER B 27 32.11 -0.21 -9.28
CA SER B 27 31.08 0.66 -8.76
C SER B 27 29.69 0.03 -8.82
N SER B 28 29.54 -1.12 -9.48
CA SER B 28 28.31 -1.92 -9.38
CA SER B 28 28.28 -1.86 -9.38
C SER B 28 27.94 -2.13 -7.92
N ILE B 29 26.63 -2.10 -7.62
CA ILE B 29 26.24 -2.36 -6.24
C ILE B 29 26.62 -3.78 -5.82
N ALA B 30 26.64 -4.72 -6.78
CA ALA B 30 27.03 -6.10 -6.47
C ALA B 30 28.47 -6.17 -5.99
N PHE B 31 29.34 -5.32 -6.53
CA PHE B 31 30.73 -5.30 -6.05
C PHE B 31 30.78 -4.93 -4.58
N HIS B 32 30.01 -3.92 -4.19
CA HIS B 32 30.07 -3.46 -2.81
C HIS B 32 29.38 -4.45 -1.88
N ILE B 33 28.32 -5.09 -2.36
CA ILE B 33 27.72 -6.19 -1.60
C ILE B 33 28.77 -7.28 -1.34
N ALA B 34 29.48 -7.69 -2.39
CA ALA B 34 30.51 -8.71 -2.24
C ALA B 34 31.63 -8.25 -1.31
N LYS B 35 32.03 -6.98 -1.41
CA LYS B 35 33.08 -6.44 -0.55
C LYS B 35 32.66 -6.44 0.92
N VAL B 36 31.47 -5.92 1.22
CA VAL B 36 30.99 -5.96 2.61
C VAL B 36 30.83 -7.39 3.08
N ALA B 37 30.33 -8.28 2.21
CA ALA B 37 30.11 -9.66 2.67
C ALA B 37 31.44 -10.33 3.02
N GLN B 38 32.47 -10.12 2.22
CA GLN B 38 33.79 -10.67 2.54
C GLN B 38 34.35 -10.04 3.81
N GLU B 39 34.16 -8.73 3.98
CA GLU B 39 34.60 -8.10 5.23
C GLU B 39 33.90 -8.73 6.43
N GLN B 40 32.70 -9.26 6.24
CA GLN B 40 31.92 -9.86 7.33
C GLN B 40 32.07 -11.37 7.39
N GLY B 41 33.07 -11.94 6.70
CA GLY B 41 33.41 -13.32 6.86
C GLY B 41 32.80 -14.29 5.87
N ALA B 42 32.08 -13.81 4.85
CA ALA B 42 31.46 -14.71 3.89
C ALA B 42 32.48 -15.29 2.94
N GLU B 43 32.18 -16.48 2.42
CA GLU B 43 32.95 -17.10 1.34
C GLU B 43 32.12 -17.02 0.09
N LEU B 44 32.63 -16.33 -0.95
CA LEU B 44 31.79 -16.01 -2.10
C LEU B 44 32.02 -16.93 -3.30
N VAL B 45 31.00 -17.04 -4.13
CA VAL B 45 31.12 -17.47 -5.52
C VAL B 45 30.49 -16.39 -6.37
N LEU B 46 31.18 -15.98 -7.43
CA LEU B 46 30.72 -14.88 -8.26
C LEU B 46 30.29 -15.41 -9.62
N THR B 47 29.41 -14.67 -10.30
CA THR B 47 29.05 -15.03 -11.67
C THR B 47 29.28 -13.87 -12.63
N GLY B 48 29.45 -14.22 -13.90
CA GLY B 48 29.51 -13.22 -14.94
C GLY B 48 29.07 -13.84 -16.25
N PHE B 49 28.82 -12.97 -17.23
CA PHE B 49 28.58 -13.42 -18.58
C PHE B 49 29.26 -12.50 -19.58
N ASP B 50 28.67 -11.35 -19.83
CA ASP B 50 29.30 -10.38 -20.73
C ASP B 50 30.57 -9.83 -20.09
N ARG B 51 31.62 -9.70 -20.90
CA ARG B 51 32.92 -9.16 -20.47
C ARG B 51 33.53 -9.99 -19.34
N LEU B 52 33.66 -11.31 -19.58
CA LEU B 52 34.00 -12.23 -18.50
C LEU B 52 35.44 -12.09 -18.05
N ARG B 53 36.36 -11.80 -18.98
CA ARG B 53 37.73 -11.49 -18.57
C ARG B 53 37.78 -10.20 -17.76
N LEU B 54 37.00 -9.19 -18.16
CA LEU B 54 36.96 -7.94 -17.40
C LEU B 54 36.47 -8.17 -15.99
N ILE B 55 35.44 -9.02 -15.83
CA ILE B 55 34.89 -9.27 -14.50
CA ILE B 55 34.89 -9.27 -14.50
C ILE B 55 35.94 -9.94 -13.61
N GLU B 56 36.71 -10.88 -14.16
CA GLU B 56 37.81 -11.46 -13.40
C GLU B 56 38.79 -10.38 -12.91
N ARG B 57 39.17 -9.43 -13.79
CA ARG B 57 40.05 -8.35 -13.37
C ARG B 57 39.41 -7.49 -12.28
N ILE B 58 38.14 -7.14 -12.45
CA ILE B 58 37.43 -6.31 -11.47
C ILE B 58 37.41 -7.02 -10.13
N THR B 59 37.15 -8.33 -10.13
CA THR B 59 36.99 -9.04 -8.86
C THR B 59 38.32 -9.17 -8.11
N GLN B 60 39.45 -8.98 -8.78
CA GLN B 60 40.73 -8.90 -8.07
C GLN B 60 40.80 -7.70 -7.11
N ARG B 61 39.93 -6.71 -7.27
CA ARG B 61 39.94 -5.58 -6.36
C ARG B 61 39.13 -5.84 -5.09
N LEU B 62 38.42 -6.97 -5.03
CA LEU B 62 37.70 -7.32 -3.80
C LEU B 62 38.70 -7.58 -2.68
N PRO B 63 38.25 -7.51 -1.43
CA PRO B 63 39.14 -7.86 -0.32
C PRO B 63 39.80 -9.21 -0.48
N LYS B 64 39.08 -10.19 -1.01
CA LYS B 64 39.60 -11.53 -1.16
C LYS B 64 39.24 -12.07 -2.53
N PRO B 65 40.08 -12.91 -3.11
CA PRO B 65 39.70 -13.65 -4.31
C PRO B 65 38.44 -14.49 -4.10
N ALA B 66 37.78 -14.80 -5.22
CA ALA B 66 36.63 -15.69 -5.21
C ALA B 66 36.50 -16.29 -6.59
N PRO B 67 36.04 -17.53 -6.67
CA PRO B 67 35.86 -18.16 -7.99
C PRO B 67 34.70 -17.53 -8.76
N LEU B 68 34.77 -17.63 -10.07
CA LEU B 68 33.80 -17.03 -10.97
C LEU B 68 33.19 -18.10 -11.88
N LEU B 69 31.86 -18.17 -11.91
CA LEU B 69 31.13 -19.08 -12.78
C LEU B 69 30.40 -18.31 -13.88
N GLU B 70 30.41 -18.86 -15.10
CA GLU B 70 29.68 -18.22 -16.18
C GLU B 70 28.18 -18.42 -15.99
N LEU B 71 27.40 -17.35 -16.16
CA LEU B 71 25.95 -17.49 -16.03
C LEU B 71 25.29 -16.41 -16.88
N ASP B 72 24.68 -16.83 -17.98
CA ASP B 72 23.73 -16.00 -18.70
C ASP B 72 22.35 -16.40 -18.20
N VAL B 73 21.67 -15.50 -17.47
CA VAL B 73 20.43 -15.90 -16.80
C VAL B 73 19.29 -16.05 -17.79
N GLN B 74 19.54 -15.76 -19.07
CA GLN B 74 18.56 -16.12 -20.10
C GLN B 74 18.83 -17.47 -20.74
N ASN B 75 19.94 -18.12 -20.38
CA ASN B 75 20.37 -19.36 -21.01
C ASN B 75 19.94 -20.52 -20.11
N GLU B 76 18.96 -21.31 -20.58
CA GLU B 76 18.44 -22.38 -19.74
C GLU B 76 19.47 -23.48 -19.51
N GLU B 77 20.44 -23.64 -20.41
CA GLU B 77 21.49 -24.61 -20.14
C GLU B 77 22.42 -24.14 -19.03
N HIS B 78 22.75 -22.85 -19.02
CA HIS B 78 23.54 -22.30 -17.92
C HIS B 78 22.81 -22.46 -16.60
N LEU B 79 21.50 -22.20 -16.61
CA LEU B 79 20.72 -22.31 -15.38
C LEU B 79 20.62 -23.75 -14.90
N GLY B 80 20.37 -24.69 -15.82
CA GLY B 80 20.21 -26.07 -15.39
C GLY B 80 21.48 -26.68 -14.84
N SER B 81 22.63 -26.24 -15.34
CA SER B 81 23.90 -26.77 -14.87
C SER B 81 24.44 -26.03 -13.65
N LEU B 82 23.81 -24.92 -13.26
CA LEU B 82 24.40 -24.04 -12.26
C LEU B 82 24.54 -24.73 -10.91
N ALA B 83 23.53 -25.46 -10.47
CA ALA B 83 23.60 -26.10 -9.16
C ALA B 83 24.78 -27.08 -9.10
N GLY B 84 24.95 -27.90 -10.13
CA GLY B 84 26.10 -28.80 -10.15
C GLY B 84 27.42 -28.06 -10.19
N ARG B 85 27.46 -26.94 -10.92
CA ARG B 85 28.70 -26.17 -10.99
C ARG B 85 29.00 -25.49 -9.67
N ILE B 86 27.96 -25.07 -8.93
CA ILE B 86 28.20 -24.50 -7.60
C ILE B 86 28.73 -25.57 -6.66
N SER B 87 28.12 -26.76 -6.69
CA SER B 87 28.56 -27.84 -5.81
C SER B 87 30.01 -28.22 -6.07
N GLU B 88 30.45 -28.16 -7.34
CA GLU B 88 31.85 -28.44 -7.65
C GLU B 88 32.76 -27.42 -6.97
N VAL B 89 32.35 -26.16 -6.93
CA VAL B 89 33.19 -25.10 -6.41
C VAL B 89 33.25 -25.14 -4.89
N ILE B 90 32.12 -25.36 -4.24
CA ILE B 90 32.06 -25.30 -2.78
C ILE B 90 32.21 -26.65 -2.11
N GLY B 91 32.19 -27.74 -2.87
CA GLY B 91 32.25 -29.08 -2.30
C GLY B 91 30.89 -29.73 -2.28
N GLU B 92 30.81 -31.01 -2.65
CA GLU B 92 29.52 -31.66 -2.90
C GLU B 92 28.68 -31.83 -1.64
N GLY B 93 29.28 -31.77 -0.45
CA GLY B 93 28.51 -31.86 0.79
C GLY B 93 28.12 -30.53 1.39
N ASN B 94 28.56 -29.44 0.79
CA ASN B 94 28.27 -28.08 1.24
C ASN B 94 27.16 -27.48 0.39
N LYS B 95 26.47 -26.51 0.96
CA LYS B 95 25.42 -25.79 0.25
C LYS B 95 25.62 -24.29 0.44
N LEU B 96 24.94 -23.52 -0.40
CA LEU B 96 24.94 -22.08 -0.24
C LEU B 96 24.00 -21.63 0.86
N ASP B 97 24.40 -20.59 1.56
CA ASP B 97 23.52 -19.93 2.52
C ASP B 97 22.86 -18.68 1.96
N GLY B 98 23.40 -18.10 0.91
CA GLY B 98 22.88 -16.85 0.38
C GLY B 98 23.07 -16.79 -1.12
N VAL B 99 22.16 -16.07 -1.77
CA VAL B 99 22.26 -15.78 -3.20
C VAL B 99 21.81 -14.35 -3.40
N VAL B 100 22.58 -13.57 -4.17
CA VAL B 100 22.23 -12.18 -4.49
C VAL B 100 21.93 -12.08 -5.99
N HIS B 101 20.72 -11.67 -6.31
CA HIS B 101 20.32 -11.30 -7.67
C HIS B 101 20.50 -9.78 -7.80
N SER B 102 21.49 -9.35 -8.60
CA SER B 102 21.73 -7.92 -8.83
C SER B 102 21.88 -7.69 -10.34
N ILE B 103 20.88 -8.12 -11.07
CA ILE B 103 20.86 -8.03 -12.52
C ILE B 103 19.64 -7.24 -12.92
N GLY B 104 19.85 -6.09 -13.53
CA GLY B 104 18.72 -5.33 -14.03
C GLY B 104 19.10 -4.78 -15.39
N PHE B 105 18.33 -5.12 -16.41
CA PHE B 105 18.56 -4.56 -17.73
C PHE B 105 17.23 -4.34 -18.40
N MET B 106 17.06 -3.17 -18.98
CA MET B 106 15.92 -2.83 -19.81
C MET B 106 16.51 -2.04 -20.98
N PRO B 107 16.26 -2.47 -22.22
CA PRO B 107 16.74 -1.69 -23.37
C PRO B 107 16.38 -0.22 -23.25
N GLN B 108 17.25 0.65 -23.77
CA GLN B 108 17.05 2.07 -23.52
C GLN B 108 15.69 2.56 -23.99
N SER B 109 15.13 1.92 -25.02
CA SER B 109 13.79 2.35 -25.47
C SER B 109 12.73 2.22 -24.38
N GLY B 110 12.97 1.41 -23.35
CA GLY B 110 12.10 1.32 -22.18
C GLY B 110 12.52 2.20 -21.02
N MET B 111 13.56 3.02 -21.18
CA MET B 111 14.05 3.85 -20.08
C MET B 111 14.25 5.30 -20.51
N GLY B 112 13.35 5.76 -21.37
CA GLY B 112 13.10 7.17 -21.51
C GLY B 112 13.81 7.86 -22.66
N VAL B 113 14.58 7.14 -23.47
CA VAL B 113 15.20 7.80 -24.61
C VAL B 113 14.19 8.07 -25.72
N ASN B 114 13.00 7.48 -25.63
CA ASN B 114 11.86 7.83 -26.45
C ASN B 114 10.62 7.86 -25.56
N PRO B 115 9.50 8.38 -26.05
CA PRO B 115 8.23 8.28 -25.29
C PRO B 115 7.88 6.87 -24.85
N PHE B 116 7.19 6.79 -23.71
CA PHE B 116 6.74 5.51 -23.16
C PHE B 116 6.07 4.64 -24.23
N PHE B 117 5.11 5.22 -24.97
CA PHE B 117 4.34 4.46 -25.95
C PHE B 117 5.18 3.93 -27.11
N ASP B 118 6.38 4.43 -27.33
CA ASP B 118 7.13 4.01 -28.51
C ASP B 118 8.00 2.78 -28.27
N ALA B 119 8.10 2.30 -27.04
CA ALA B 119 8.96 1.14 -26.78
C ALA B 119 8.38 -0.10 -27.45
N PRO B 120 9.15 -0.80 -28.28
CA PRO B 120 8.62 -2.00 -28.93
C PRO B 120 8.55 -3.16 -27.96
N PHE B 121 7.61 -4.07 -28.22
CA PHE B 121 7.43 -5.17 -27.29
C PHE B 121 8.70 -6.01 -27.15
N ALA B 122 9.39 -6.27 -28.26
CA ALA B 122 10.58 -7.11 -28.17
C ALA B 122 11.59 -6.54 -27.19
N ASP B 123 11.76 -5.19 -27.16
CA ASP B 123 12.65 -4.57 -26.18
C ASP B 123 12.11 -4.76 -24.76
N VAL B 124 10.82 -4.51 -24.56
CA VAL B 124 10.28 -4.56 -23.19
C VAL B 124 10.30 -6.00 -22.70
N SER B 125 9.97 -6.95 -23.58
CA SER B 125 9.99 -8.37 -23.20
C SER B 125 11.38 -8.77 -22.72
N LYS B 126 12.42 -8.33 -23.42
CA LYS B 126 13.79 -8.68 -23.03
C LYS B 126 14.12 -8.11 -21.66
N GLY B 127 13.72 -6.87 -21.40
CA GLY B 127 14.01 -6.25 -20.11
C GLY B 127 13.22 -6.90 -19.00
N PHE B 128 11.99 -7.27 -19.29
CA PHE B 128 11.22 -8.08 -18.35
C PHE B 128 11.90 -9.42 -18.09
N HIS B 129 12.48 -10.02 -19.11
CA HIS B 129 13.11 -11.32 -18.94
C HIS B 129 14.26 -11.22 -17.97
N ILE B 130 15.10 -10.22 -18.17
CA ILE B 130 16.34 -10.11 -17.43
C ILE B 130 16.06 -9.56 -16.04
N SER B 131 15.15 -8.59 -15.95
CA SER B 131 14.97 -7.84 -14.72
C SER B 131 13.95 -8.47 -13.79
N ALA B 132 13.00 -9.25 -14.31
CA ALA B 132 11.95 -9.82 -13.47
C ALA B 132 11.90 -11.33 -13.56
N PHE B 133 11.71 -11.88 -14.76
CA PHE B 133 11.59 -13.33 -14.88
C PHE B 133 12.80 -14.05 -14.31
N SER B 134 14.00 -13.48 -14.53
CA SER B 134 15.20 -14.23 -14.16
C SER B 134 15.41 -14.33 -12.66
N TYR B 135 14.69 -13.54 -11.86
CA TYR B 135 14.75 -13.74 -10.42
C TYR B 135 14.17 -15.11 -10.07
N SER B 136 13.05 -15.47 -10.72
CA SER B 136 12.51 -16.81 -10.60
C SER B 136 13.48 -17.84 -11.18
N SER B 137 14.05 -17.55 -12.36
CA SER B 137 14.96 -18.52 -12.98
C SER B 137 16.14 -18.83 -12.06
N LEU B 138 16.75 -17.79 -11.52
CA LEU B 138 17.91 -17.99 -10.66
C LEU B 138 17.52 -18.75 -9.40
N ALA B 139 16.38 -18.39 -8.80
CA ALA B 139 15.94 -19.10 -7.60
C ALA B 139 15.74 -20.58 -7.90
N LYS B 140 15.05 -20.89 -9.01
CA LYS B 140 14.87 -22.29 -9.38
C LYS B 140 16.22 -22.99 -9.51
N ALA B 141 17.19 -22.32 -10.13
CA ALA B 141 18.50 -22.93 -10.35
C ALA B 141 19.27 -23.18 -9.05
N VAL B 142 19.14 -22.30 -8.04
CA VAL B 142 20.04 -22.38 -6.88
C VAL B 142 19.41 -23.10 -5.69
N LEU B 143 18.08 -23.10 -5.61
CA LEU B 143 17.45 -23.64 -4.41
C LEU B 143 17.86 -25.08 -4.09
N PRO B 144 18.13 -25.95 -5.08
CA PRO B 144 18.57 -27.31 -4.73
C PRO B 144 19.90 -27.35 -3.99
N VAL B 145 20.70 -26.29 -4.04
CA VAL B 145 21.96 -26.29 -3.33
C VAL B 145 21.99 -25.16 -2.30
N MET B 146 20.84 -24.86 -1.68
CA MET B 146 20.76 -23.88 -0.62
C MET B 146 20.38 -24.53 0.70
N ASN B 147 20.99 -24.06 1.79
CA ASN B 147 20.67 -24.58 3.12
C ASN B 147 19.35 -24.02 3.61
N ARG B 148 18.65 -24.84 4.41
CA ARG B 148 17.55 -24.32 5.21
C ARG B 148 18.02 -23.11 6.00
N GLY B 149 17.17 -22.10 6.09
CA GLY B 149 17.54 -20.85 6.72
C GLY B 149 18.27 -19.89 5.81
N GLY B 150 18.49 -20.27 4.56
CA GLY B 150 19.22 -19.44 3.62
C GLY B 150 18.41 -18.25 3.14
N SER B 151 19.04 -17.45 2.29
CA SER B 151 18.44 -16.18 1.91
C SER B 151 18.76 -15.85 0.46
N ILE B 152 17.72 -15.57 -0.33
CA ILE B 152 17.86 -15.01 -1.67
C ILE B 152 17.44 -13.55 -1.60
N VAL B 153 18.28 -12.67 -2.14
CA VAL B 153 18.00 -11.24 -2.12
C VAL B 153 18.15 -10.71 -3.52
N GLY B 154 17.17 -9.93 -3.97
CA GLY B 154 17.26 -9.23 -5.24
C GLY B 154 17.20 -7.72 -5.03
N MET B 155 17.54 -6.98 -6.09
CA MET B 155 17.60 -5.52 -6.05
C MET B 155 16.35 -4.92 -6.70
N ASP B 156 15.75 -3.92 -6.03
CA ASP B 156 14.50 -3.29 -6.45
C ASP B 156 14.72 -1.78 -6.53
N PHE B 157 13.84 -1.11 -7.27
CA PHE B 157 13.77 0.35 -7.25
C PHE B 157 12.28 0.70 -7.20
N ASP B 158 11.85 1.35 -6.10
CA ASP B 158 10.43 1.38 -5.75
C ASP B 158 9.56 1.74 -6.95
N PRO B 159 8.66 0.82 -7.42
CA PRO B 159 7.84 1.09 -8.60
C PRO B 159 6.37 1.40 -8.28
N THR B 160 6.09 1.75 -7.03
CA THR B 160 4.72 1.96 -6.59
C THR B 160 4.03 3.10 -7.34
N ARG B 161 4.80 4.11 -7.73
CA ARG B 161 4.34 5.28 -8.47
CA ARG B 161 4.33 5.26 -8.49
C ARG B 161 5.12 5.38 -9.77
N ALA B 162 4.45 5.82 -10.84
CA ALA B 162 5.16 6.12 -12.08
C ALA B 162 6.09 7.33 -11.87
N MET B 163 7.17 7.35 -12.66
CA MET B 163 8.26 8.31 -12.52
C MET B 163 8.77 8.69 -13.89
N PRO B 164 9.37 9.87 -14.03
CA PRO B 164 9.98 10.25 -15.30
C PRO B 164 11.05 9.24 -15.73
N ALA B 165 11.08 8.99 -17.04
CA ALA B 165 12.13 8.23 -17.74
C ALA B 165 12.18 6.73 -17.41
N TYR B 166 12.03 6.36 -16.12
CA TYR B 166 12.24 4.96 -15.77
C TYR B 166 11.25 4.04 -16.46
N ASN B 167 10.04 4.52 -16.75
CA ASN B 167 9.15 3.96 -17.75
C ASN B 167 9.00 2.44 -17.63
N TRP B 168 9.49 1.68 -18.61
CA TRP B 168 9.19 0.25 -18.61
C TRP B 168 10.08 -0.53 -17.64
N MET B 169 11.24 0.01 -17.26
CA MET B 169 11.98 -0.60 -16.16
C MET B 169 11.17 -0.55 -14.86
N THR B 170 10.43 0.55 -14.62
CA THR B 170 9.54 0.57 -13.45
C THR B 170 8.48 -0.51 -13.55
N VAL B 171 7.91 -0.70 -14.75
CA VAL B 171 6.97 -1.79 -14.96
C VAL B 171 7.63 -3.13 -14.67
N ALA B 172 8.87 -3.32 -15.15
CA ALA B 172 9.59 -4.55 -14.84
C ALA B 172 9.79 -4.73 -13.34
N LYS B 173 10.06 -3.67 -12.62
CA LYS B 173 10.26 -3.82 -11.18
C LYS B 173 8.96 -4.13 -10.45
N SER B 174 7.84 -3.55 -10.90
CA SER B 174 6.55 -3.99 -10.35
C SER B 174 6.36 -5.48 -10.55
N ALA B 175 6.71 -5.97 -11.74
CA ALA B 175 6.67 -7.40 -12.01
C ALA B 175 7.60 -8.16 -11.07
N LEU B 176 8.82 -7.65 -10.89
CA LEU B 176 9.79 -8.32 -10.01
C LEU B 176 9.26 -8.46 -8.59
N GLU B 177 8.60 -7.43 -8.08
CA GLU B 177 8.05 -7.51 -6.73
C GLU B 177 7.04 -8.63 -6.63
N SER B 178 6.20 -8.80 -7.65
CA SER B 178 5.25 -9.91 -7.66
C SER B 178 5.98 -11.24 -7.70
N VAL B 179 6.96 -11.36 -8.60
CA VAL B 179 7.73 -12.59 -8.73
C VAL B 179 8.36 -12.97 -7.40
N ASN B 180 8.91 -11.98 -6.69
CA ASN B 180 9.52 -12.22 -5.38
C ASN B 180 8.55 -12.88 -4.41
N ARG B 181 7.27 -12.49 -4.44
CA ARG B 181 6.33 -13.07 -3.49
C ARG B 181 6.08 -14.53 -3.83
N PHE B 182 6.11 -14.90 -5.11
CA PHE B 182 5.94 -16.28 -5.49
C PHE B 182 7.20 -17.09 -5.27
N VAL B 183 8.36 -16.48 -5.50
CA VAL B 183 9.61 -17.17 -5.19
C VAL B 183 9.68 -17.47 -3.70
N ALA B 184 9.20 -16.54 -2.88
CA ALA B 184 9.12 -16.80 -1.43
C ALA B 184 8.28 -18.03 -1.14
N ARG B 185 7.15 -18.19 -1.83
CA ARG B 185 6.33 -19.39 -1.65
CA ARG B 185 6.34 -19.38 -1.59
C ARG B 185 7.13 -20.65 -1.92
N GLU B 186 7.85 -20.67 -3.05
CA GLU B 186 8.59 -21.89 -3.43
C GLU B 186 9.80 -22.10 -2.54
N ALA B 187 10.53 -21.02 -2.26
CA ALA B 187 11.74 -21.15 -1.45
C ALA B 187 11.40 -21.57 -0.02
N GLY B 188 10.26 -21.11 0.49
CA GLY B 188 9.89 -21.45 1.85
C GLY B 188 9.66 -22.92 2.05
N LYS B 189 9.28 -23.63 0.97
CA LYS B 189 9.13 -25.08 1.02
C LYS B 189 10.41 -25.79 1.45
N VAL B 190 11.57 -25.17 1.27
CA VAL B 190 12.84 -25.76 1.72
C VAL B 190 13.52 -24.83 2.71
N GLY B 191 12.74 -23.98 3.37
CA GLY B 191 13.27 -23.16 4.44
C GLY B 191 14.08 -21.95 4.03
N VAL B 192 13.97 -21.49 2.79
CA VAL B 192 14.80 -20.39 2.29
C VAL B 192 13.93 -19.14 2.18
N ARG B 193 14.51 -17.98 2.57
CA ARG B 193 13.86 -16.68 2.44
C ARG B 193 14.16 -16.03 1.08
N SER B 194 13.25 -15.16 0.64
CA SER B 194 13.42 -14.40 -0.61
C SER B 194 12.92 -13.00 -0.35
N ASN B 195 13.79 -12.00 -0.56
CA ASN B 195 13.41 -10.61 -0.29
C ASN B 195 14.08 -9.71 -1.31
N LEU B 196 13.55 -8.51 -1.46
CA LEU B 196 14.19 -7.50 -2.29
C LEU B 196 14.63 -6.34 -1.43
N VAL B 197 15.65 -5.63 -1.88
CA VAL B 197 16.03 -4.37 -1.28
C VAL B 197 15.67 -3.28 -2.26
N ALA B 198 14.75 -2.39 -1.86
CA ALA B 198 14.40 -1.20 -2.65
C ALA B 198 15.41 -0.11 -2.30
N ALA B 199 16.35 0.13 -3.20
CA ALA B 199 17.45 1.05 -2.93
C ALA B 199 17.07 2.42 -3.46
N GLY B 200 17.54 3.44 -2.79
CA GLY B 200 17.55 4.76 -3.36
C GLY B 200 18.52 4.78 -4.53
N PRO B 201 18.44 5.82 -5.34
CA PRO B 201 19.29 5.89 -6.54
C PRO B 201 20.76 6.09 -6.18
N ILE B 202 21.62 5.37 -6.91
CA ILE B 202 23.06 5.47 -6.75
C ILE B 202 23.61 5.94 -8.10
N ARG B 203 24.37 7.03 -8.08
CA ARG B 203 25.02 7.60 -9.27
C ARG B 203 25.97 6.60 -9.92
N ALA B 214 27.78 17.21 -21.75
CA ALA B 214 28.33 17.55 -23.07
C ALA B 214 27.79 16.59 -24.14
N LEU B 215 27.79 15.30 -23.82
CA LEU B 215 27.00 14.32 -24.54
C LEU B 215 25.83 13.81 -23.72
N GLY B 216 25.60 14.36 -22.53
CA GLY B 216 24.41 14.02 -21.77
C GLY B 216 23.15 14.33 -22.53
N ASP B 217 22.08 13.62 -22.19
CA ASP B 217 20.87 13.64 -22.99
C ASP B 217 19.64 13.71 -22.10
N GLU B 218 18.47 13.73 -22.75
CA GLU B 218 17.22 14.05 -22.07
C GLU B 218 16.90 13.02 -20.99
N ALA B 219 16.95 11.73 -21.33
CA ALA B 219 16.58 10.71 -20.34
C ALA B 219 17.46 10.79 -19.09
N GLY B 220 18.77 10.98 -19.29
CA GLY B 220 19.67 11.17 -18.15
C GLY B 220 19.34 12.40 -17.34
N GLN B 221 19.02 13.51 -18.01
CA GLN B 221 18.66 14.73 -17.28
C GLN B 221 17.38 14.52 -16.47
N GLN B 222 16.36 13.86 -17.07
CA GLN B 222 15.13 13.60 -16.34
C GLN B 222 15.39 12.73 -15.12
N MET B 223 16.23 11.71 -15.26
CA MET B 223 16.49 10.85 -14.11
C MET B 223 17.25 11.60 -13.04
N GLN B 224 18.19 12.45 -13.44
CA GLN B 224 18.96 13.19 -12.45
C GLN B 224 18.07 14.07 -11.60
N LEU B 225 17.12 14.77 -12.21
CA LEU B 225 16.24 15.65 -11.46
CA LEU B 225 16.26 15.65 -11.44
C LEU B 225 15.36 14.86 -10.50
N LEU B 226 14.84 13.73 -10.97
CA LEU B 226 14.02 12.84 -10.11
C LEU B 226 14.85 12.33 -8.94
N GLU B 227 16.03 11.80 -9.22
CA GLU B 227 16.85 11.21 -8.18
C GLU B 227 17.32 12.22 -7.13
N GLU B 228 17.51 13.50 -7.49
CA GLU B 228 17.91 14.47 -6.47
C GLU B 228 16.83 14.72 -5.42
N GLY B 229 15.59 14.30 -5.69
CA GLY B 229 14.54 14.41 -4.70
C GLY B 229 14.75 13.55 -3.47
N TRP B 230 15.50 12.45 -3.59
CA TRP B 230 15.63 11.53 -2.46
C TRP B 230 16.27 12.23 -1.27
N ASP B 231 17.39 12.93 -1.49
CA ASP B 231 18.05 13.59 -0.38
C ASP B 231 17.18 14.67 0.22
N GLN B 232 16.35 15.32 -0.61
CA GLN B 232 15.42 16.31 -0.11
C GLN B 232 14.38 15.70 0.83
N ARG B 233 13.88 14.51 0.50
CA ARG B 233 12.79 13.86 1.23
C ARG B 233 13.28 13.05 2.42
N ALA B 234 14.45 12.41 2.29
CA ALA B 234 14.93 11.43 3.24
C ALA B 234 15.14 12.08 4.61
N PRO B 235 14.47 11.63 5.66
CA PRO B 235 14.71 12.24 6.99
C PRO B 235 16.16 12.18 7.43
N ILE B 236 16.90 11.15 7.06
CA ILE B 236 18.32 11.07 7.41
C ILE B 236 19.22 11.41 6.22
N GLY B 237 18.66 11.98 5.16
CA GLY B 237 19.43 12.31 3.97
C GLY B 237 19.69 11.10 3.09
N TRP B 238 20.16 11.38 1.87
CA TRP B 238 20.50 10.31 0.94
C TRP B 238 21.72 10.73 0.14
N ASP B 239 22.76 9.91 0.15
CA ASP B 239 24.01 10.21 -0.57
C ASP B 239 24.05 9.32 -1.82
N MET B 240 23.75 9.89 -2.98
CA MET B 240 23.74 9.11 -4.22
C MET B 240 25.11 8.57 -4.59
N LYS B 241 26.18 9.05 -3.95
CA LYS B 241 27.52 8.61 -4.27
C LYS B 241 28.02 7.50 -3.34
N ASP B 242 27.19 7.05 -2.40
CA ASP B 242 27.62 6.13 -1.37
C ASP B 242 26.81 4.83 -1.46
N PRO B 243 27.37 3.78 -2.03
CA PRO B 243 26.65 2.50 -2.12
C PRO B 243 26.66 1.69 -0.85
N THR B 244 27.50 2.06 0.13
CA THR B 244 27.67 1.23 1.32
C THR B 244 26.37 0.97 2.08
N PRO B 245 25.51 1.97 2.33
CA PRO B 245 24.25 1.68 3.08
C PRO B 245 23.40 0.60 2.45
N VAL B 246 23.33 0.62 1.11
CA VAL B 246 22.56 -0.38 0.36
C VAL B 246 23.21 -1.75 0.50
N ALA B 247 24.53 -1.80 0.30
CA ALA B 247 25.27 -3.06 0.44
C ALA B 247 25.12 -3.64 1.83
N LYS B 248 25.17 -2.79 2.87
CA LYS B 248 24.99 -3.29 4.23
C LYS B 248 23.59 -3.88 4.42
N THR B 249 22.58 -3.23 3.87
CA THR B 249 21.21 -3.72 3.99
C THR B 249 21.05 -5.09 3.33
N VAL B 250 21.65 -5.28 2.16
CA VAL B 250 21.59 -6.60 1.54
C VAL B 250 22.23 -7.62 2.46
N CYS B 251 23.38 -7.27 3.05
CA CYS B 251 24.06 -8.21 3.95
C CYS B 251 23.20 -8.49 5.18
N ALA B 252 22.43 -7.51 5.65
CA ALA B 252 21.49 -7.76 6.75
C ALA B 252 20.50 -8.86 6.39
N LEU B 253 19.98 -8.82 5.17
CA LEU B 253 19.00 -9.82 4.76
C LEU B 253 19.65 -11.18 4.51
N LEU B 254 20.94 -11.19 4.12
CA LEU B 254 21.68 -12.43 3.97
C LEU B 254 22.03 -13.05 5.31
N SER B 255 22.01 -12.27 6.39
CA SER B 255 22.38 -12.75 7.71
C SER B 255 21.22 -13.49 8.35
N ASP B 256 21.45 -13.93 9.58
CA ASP B 256 20.43 -14.62 10.35
C ASP B 256 19.60 -13.66 11.20
N TRP B 257 19.71 -12.36 10.96
CA TRP B 257 19.11 -11.36 11.85
C TRP B 257 17.75 -10.88 11.38
N LEU B 258 17.29 -11.27 10.19
CA LEU B 258 15.92 -11.06 9.75
C LEU B 258 15.30 -12.41 9.39
N PRO B 259 15.25 -13.34 10.35
CA PRO B 259 14.92 -14.74 10.03
C PRO B 259 13.45 -14.99 9.76
N ALA B 260 12.59 -14.01 10.02
CA ALA B 260 11.16 -14.18 9.84
C ALA B 260 10.62 -13.24 8.77
N THR B 261 11.49 -12.74 7.89
CA THR B 261 11.13 -11.82 6.83
C THR B 261 11.29 -12.53 5.50
N THR B 262 10.19 -12.67 4.75
CA THR B 262 10.29 -13.26 3.42
C THR B 262 9.13 -12.75 2.56
N GLY B 263 9.32 -12.87 1.26
CA GLY B 263 8.36 -12.31 0.31
C GLY B 263 8.28 -10.82 0.31
N ASP B 264 9.29 -10.14 0.84
CA ASP B 264 9.15 -8.78 1.32
C ASP B 264 10.11 -7.85 0.59
N ILE B 265 9.97 -6.57 0.91
CA ILE B 265 10.76 -5.50 0.33
C ILE B 265 11.28 -4.64 1.47
N ILE B 266 12.60 -4.50 1.56
CA ILE B 266 13.23 -3.68 2.59
CA ILE B 266 13.23 -3.68 2.59
C ILE B 266 13.78 -2.43 1.92
N PHE B 267 13.39 -1.26 2.42
CA PHE B 267 13.84 -0.03 1.77
C PHE B 267 15.15 0.43 2.37
N ALA B 268 16.11 0.73 1.50
CA ALA B 268 17.40 1.33 1.89
C ALA B 268 17.51 2.62 1.08
N ASP B 269 16.79 3.66 1.54
CA ASP B 269 16.58 4.87 0.72
C ASP B 269 16.56 6.13 1.58
N GLY B 270 17.08 6.06 2.80
CA GLY B 270 17.10 7.21 3.67
C GLY B 270 15.76 7.53 4.25
N GLY B 271 14.78 6.64 4.06
CA GLY B 271 13.41 6.90 4.41
C GLY B 271 12.68 7.76 3.42
N ALA B 272 13.25 8.00 2.23
CA ALA B 272 12.63 8.90 1.28
C ALA B 272 11.21 8.47 0.93
N HIS B 273 10.95 7.18 0.86
CA HIS B 273 9.63 6.76 0.37
C HIS B 273 8.52 7.00 1.40
N THR B 274 8.86 7.38 2.63
CA THR B 274 7.90 7.51 3.74
C THR B 274 7.45 8.95 3.89
N GLN B 275 8.00 9.85 3.07
CA GLN B 275 7.79 11.28 3.19
C GLN B 275 7.30 11.83 1.86
N LEU B 276 6.41 12.81 1.95
N LEU B 276 6.40 12.80 1.92
CA LEU B 276 5.87 13.56 0.83
CA LEU B 276 5.94 13.43 0.70
C LEU B 276 6.25 15.00 1.12
C LEU B 276 6.87 14.56 0.27
N LEU B 277 7.44 15.40 0.65
N LEU B 277 7.31 15.38 1.22
CA LEU B 277 8.01 16.69 1.05
CA LEU B 277 8.36 16.35 0.96
C LEU B 277 7.61 17.83 0.11
C LEU B 277 9.17 16.56 2.23
N GLY C 11 -29.61 8.43 -18.41
CA GLY C 11 -28.59 7.40 -18.46
C GLY C 11 -27.24 7.90 -18.01
N LEU C 12 -26.53 7.06 -17.26
CA LEU C 12 -25.23 7.44 -16.73
C LEU C 12 -24.23 7.78 -17.83
N LEU C 13 -24.37 7.17 -19.00
CA LEU C 13 -23.43 7.35 -20.11
C LEU C 13 -24.16 7.84 -21.36
N GLU C 14 -25.20 8.64 -21.17
CA GLU C 14 -26.02 9.10 -22.31
C GLU C 14 -25.16 9.87 -23.30
N GLY C 15 -25.23 9.46 -24.56
CA GLY C 15 -24.51 10.13 -25.64
C GLY C 15 -23.03 9.82 -25.72
N LYS C 16 -22.52 8.91 -24.90
CA LYS C 16 -21.11 8.59 -24.91
C LYS C 16 -20.84 7.45 -25.90
N ARG C 17 -19.70 7.53 -26.56
CA ARG C 17 -19.28 6.51 -27.52
C ARG C 17 -18.14 5.75 -26.89
N ILE C 18 -18.29 4.44 -26.75
CA ILE C 18 -17.37 3.64 -25.95
C ILE C 18 -16.93 2.43 -26.73
N LEU C 19 -15.61 2.19 -26.77
CA LEU C 19 -15.06 0.97 -27.36
C LEU C 19 -14.90 -0.09 -26.27
N VAL C 20 -15.42 -1.29 -26.52
CA VAL C 20 -15.34 -2.38 -25.54
C VAL C 20 -14.63 -3.56 -26.19
N THR C 21 -13.47 -3.91 -25.64
CA THR C 21 -12.72 -5.11 -26.02
C THR C 21 -13.10 -6.26 -25.09
N GLY C 22 -12.77 -7.48 -25.52
CA GLY C 22 -12.75 -8.60 -24.61
C GLY C 22 -14.04 -9.41 -24.48
N ILE C 23 -15.02 -9.20 -25.36
CA ILE C 23 -16.22 -10.03 -25.36
C ILE C 23 -15.88 -11.30 -26.13
N ILE C 24 -15.86 -12.45 -25.43
CA ILE C 24 -15.60 -13.74 -26.05
C ILE C 24 -16.81 -14.68 -25.92
N THR C 25 -17.39 -14.74 -24.73
CA THR C 25 -18.66 -15.44 -24.51
C THR C 25 -19.65 -14.48 -23.88
N ASP C 26 -20.86 -14.97 -23.62
CA ASP C 26 -21.85 -14.18 -22.91
C ASP C 26 -21.60 -14.11 -21.42
N SER C 27 -20.59 -14.81 -20.91
CA SER C 27 -20.17 -14.65 -19.53
CA SER C 27 -20.16 -14.66 -19.54
C SER C 27 -18.87 -13.86 -19.40
N SER C 28 -18.28 -13.45 -20.52
CA SER C 28 -17.16 -12.50 -20.47
C SER C 28 -17.61 -11.26 -19.71
N ILE C 29 -16.76 -10.76 -18.80
CA ILE C 29 -17.17 -9.59 -18.03
C ILE C 29 -17.40 -8.41 -18.96
N ALA C 30 -16.67 -8.36 -20.08
CA ALA C 30 -16.92 -7.32 -21.06
C ALA C 30 -18.34 -7.36 -21.60
N PHE C 31 -18.93 -8.54 -21.74
CA PHE C 31 -20.31 -8.60 -22.20
C PHE C 31 -21.23 -7.82 -21.26
N HIS C 32 -21.03 -8.00 -19.95
CA HIS C 32 -21.90 -7.33 -18.99
C HIS C 32 -21.59 -5.85 -18.89
N ILE C 33 -20.31 -5.48 -19.00
CA ILE C 33 -19.96 -4.06 -19.13
C ILE C 33 -20.68 -3.43 -20.31
N ALA C 34 -20.64 -4.11 -21.46
CA ALA C 34 -21.30 -3.59 -22.64
C ALA C 34 -22.80 -3.47 -22.43
N LYS C 35 -23.39 -4.48 -21.79
CA LYS C 35 -24.84 -4.50 -21.57
C LYS C 35 -25.26 -3.32 -20.70
N VAL C 36 -24.56 -3.09 -19.59
CA VAL C 36 -24.92 -1.98 -18.71
C VAL C 36 -24.67 -0.64 -19.41
N ALA C 37 -23.58 -0.52 -20.16
CA ALA C 37 -23.32 0.74 -20.85
C ALA C 37 -24.42 1.08 -21.85
N GLN C 38 -24.89 0.09 -22.60
CA GLN C 38 -26.00 0.35 -23.52
C GLN C 38 -27.27 0.72 -22.75
N GLU C 39 -27.56 0.00 -21.67
CA GLU C 39 -28.72 0.35 -20.85
C GLU C 39 -28.60 1.79 -20.34
N GLN C 40 -27.39 2.28 -20.15
CA GLN C 40 -27.16 3.63 -19.63
C GLN C 40 -26.95 4.67 -20.74
N GLY C 41 -27.26 4.32 -21.99
CA GLY C 41 -27.34 5.30 -23.05
C GLY C 41 -26.13 5.41 -23.94
N ALA C 42 -25.12 4.57 -23.74
CA ALA C 42 -23.90 4.66 -24.53
C ALA C 42 -24.06 3.97 -25.88
N GLU C 43 -23.28 4.44 -26.84
CA GLU C 43 -23.19 3.84 -28.17
C GLU C 43 -21.85 3.12 -28.25
N LEU C 44 -21.88 1.82 -28.54
CA LEU C 44 -20.69 1.01 -28.44
C LEU C 44 -20.08 0.69 -29.80
N VAL C 45 -18.76 0.54 -29.78
CA VAL C 45 -17.98 -0.13 -30.82
C VAL C 45 -17.28 -1.31 -30.16
N LEU C 46 -17.35 -2.48 -30.77
CA LEU C 46 -16.85 -3.70 -30.14
C LEU C 46 -15.66 -4.24 -30.94
N THR C 47 -14.78 -4.98 -30.27
CA THR C 47 -13.68 -5.63 -30.98
C THR C 47 -13.70 -7.14 -30.77
N GLY C 48 -13.05 -7.85 -31.69
CA GLY C 48 -12.82 -9.28 -31.57
C GLY C 48 -11.64 -9.64 -32.46
N PHE C 49 -11.11 -10.86 -32.30
CA PHE C 49 -10.00 -11.28 -33.16
CA PHE C 49 -10.02 -11.26 -33.18
C PHE C 49 -10.29 -12.58 -33.89
N ASP C 50 -10.44 -13.69 -33.17
CA ASP C 50 -10.55 -14.98 -33.82
C ASP C 50 -12.03 -15.39 -33.89
N ARG C 51 -12.44 -15.83 -35.08
CA ARG C 51 -13.83 -16.24 -35.35
C ARG C 51 -14.79 -15.08 -35.03
N LEU C 52 -14.67 -14.03 -35.84
CA LEU C 52 -15.51 -12.85 -35.65
C LEU C 52 -17.00 -13.20 -35.77
N ARG C 53 -17.34 -14.14 -36.64
CA ARG C 53 -18.74 -14.56 -36.75
C ARG C 53 -19.25 -15.07 -35.42
N LEU C 54 -18.43 -15.83 -34.69
CA LEU C 54 -18.86 -16.33 -33.38
C LEU C 54 -19.00 -15.20 -32.38
N ILE C 55 -18.13 -14.18 -32.48
CA ILE C 55 -18.30 -13.00 -31.65
C ILE C 55 -19.58 -12.27 -32.01
N GLU C 56 -19.86 -12.13 -33.31
CA GLU C 56 -21.08 -11.44 -33.74
C GLU C 56 -22.33 -12.09 -33.15
N ARG C 57 -22.33 -13.43 -33.05
CA ARG C 57 -23.49 -14.12 -32.48
C ARG C 57 -23.71 -13.76 -31.02
N ILE C 58 -22.63 -13.66 -30.24
CA ILE C 58 -22.76 -13.28 -28.84
C ILE C 58 -23.23 -11.83 -28.72
N THR C 59 -22.57 -10.92 -29.44
CA THR C 59 -22.92 -9.51 -29.36
C THR C 59 -24.34 -9.22 -29.83
N GLN C 60 -24.92 -10.10 -30.65
CA GLN C 60 -26.33 -9.95 -31.01
C GLN C 60 -27.27 -10.17 -29.82
N ARG C 61 -26.77 -10.69 -28.71
CA ARG C 61 -27.57 -10.84 -27.51
C ARG C 61 -27.54 -9.60 -26.61
N LEU C 62 -26.80 -8.56 -26.99
CA LEU C 62 -26.76 -7.32 -26.22
C LEU C 62 -28.03 -6.52 -26.47
N PRO C 63 -28.32 -5.54 -25.60
CA PRO C 63 -29.55 -4.74 -25.78
C PRO C 63 -29.67 -4.05 -27.12
N LYS C 64 -28.58 -3.54 -27.67
CA LYS C 64 -28.61 -2.70 -28.86
C LYS C 64 -27.54 -3.15 -29.85
N PRO C 65 -27.71 -2.83 -31.14
CA PRO C 65 -26.68 -3.18 -32.12
C PRO C 65 -25.39 -2.41 -31.87
N ALA C 66 -24.29 -3.00 -32.33
CA ALA C 66 -22.98 -2.38 -32.20
C ALA C 66 -22.04 -2.95 -33.26
N PRO C 67 -21.31 -2.09 -33.96
CA PRO C 67 -20.35 -2.57 -34.94
C PRO C 67 -19.17 -3.29 -34.29
N LEU C 68 -18.64 -4.25 -35.03
CA LEU C 68 -17.56 -5.12 -34.56
C LEU C 68 -16.34 -4.88 -35.42
N LEU C 69 -15.21 -4.53 -34.80
CA LEU C 69 -13.95 -4.34 -35.49
C LEU C 69 -12.97 -5.44 -35.09
N GLU C 70 -12.14 -5.88 -36.03
CA GLU C 70 -11.14 -6.89 -35.72
C GLU C 70 -9.93 -6.26 -35.05
N LEU C 71 -9.49 -6.85 -33.95
CA LEU C 71 -8.33 -6.33 -33.21
C LEU C 71 -7.65 -7.48 -32.50
N ASP C 72 -6.48 -7.88 -32.99
CA ASP C 72 -5.55 -8.74 -32.29
C ASP C 72 -4.53 -7.80 -31.66
N VAL C 73 -4.54 -7.72 -30.33
CA VAL C 73 -3.71 -6.71 -29.68
C VAL C 73 -2.23 -7.03 -29.75
N GLN C 74 -1.86 -8.20 -30.27
CA GLN C 74 -0.45 -8.49 -30.54
C GLN C 74 -0.06 -8.12 -31.97
N ASN C 75 -0.97 -7.53 -32.74
CA ASN C 75 -0.73 -7.24 -34.15
C ASN C 75 -0.61 -5.73 -34.32
N GLU C 76 0.62 -5.27 -34.59
CA GLU C 76 0.86 -3.83 -34.70
C GLU C 76 0.12 -3.24 -35.89
N GLU C 77 -0.11 -4.01 -36.95
CA GLU C 77 -0.89 -3.50 -38.07
C GLU C 77 -2.34 -3.26 -37.66
N HIS C 78 -2.93 -4.18 -36.89
CA HIS C 78 -4.28 -3.95 -36.38
C HIS C 78 -4.32 -2.72 -35.49
N LEU C 79 -3.33 -2.59 -34.61
CA LEU C 79 -3.30 -1.44 -33.72
C LEU C 79 -3.09 -0.13 -34.47
N GLY C 80 -2.21 -0.14 -35.47
CA GLY C 80 -1.95 1.07 -36.23
C GLY C 80 -3.15 1.60 -36.99
N SER C 81 -4.01 0.72 -37.45
CA SER C 81 -5.16 1.12 -38.25
C SER C 81 -6.42 1.32 -37.42
N LEU C 82 -6.37 1.01 -36.12
CA LEU C 82 -7.59 0.96 -35.32
C LEU C 82 -8.29 2.32 -35.25
N ALA C 83 -7.53 3.39 -34.96
CA ALA C 83 -8.15 4.71 -34.86
C ALA C 83 -8.92 5.06 -36.12
N GLY C 84 -8.33 4.82 -37.29
CA GLY C 84 -9.03 5.10 -38.54
C GLY C 84 -10.25 4.22 -38.74
N ARG C 85 -10.14 2.94 -38.37
CA ARG C 85 -11.31 2.07 -38.48
C ARG C 85 -12.40 2.47 -37.50
N ILE C 86 -12.02 2.94 -36.30
CA ILE C 86 -13.02 3.47 -35.36
C ILE C 86 -13.70 4.69 -35.94
N SER C 87 -12.92 5.61 -36.52
CA SER C 87 -13.49 6.82 -37.10
C SER C 87 -14.45 6.51 -38.23
N GLU C 88 -14.15 5.48 -39.03
CA GLU C 88 -15.05 5.10 -40.11
C GLU C 88 -16.41 4.72 -39.58
N VAL C 89 -16.45 4.04 -38.44
CA VAL C 89 -17.71 3.48 -37.97
CA VAL C 89 -17.71 3.49 -37.97
C VAL C 89 -18.48 4.45 -37.07
N ILE C 90 -17.81 5.34 -36.34
CA ILE C 90 -18.54 6.32 -35.54
C ILE C 90 -18.76 7.64 -36.28
N GLY C 91 -18.21 7.79 -37.48
CA GLY C 91 -18.37 9.03 -38.22
C GLY C 91 -17.19 9.97 -38.03
N GLU C 92 -16.60 10.46 -39.14
CA GLU C 92 -15.28 11.06 -39.07
C GLU C 92 -15.21 12.30 -38.17
N GLY C 93 -16.32 13.01 -37.96
CA GLY C 93 -16.27 14.12 -37.02
C GLY C 93 -16.30 13.75 -35.55
N ASN C 94 -16.52 12.48 -35.23
CA ASN C 94 -16.79 12.05 -33.86
C ASN C 94 -15.58 11.35 -33.25
N LYS C 95 -15.54 11.37 -31.92
CA LYS C 95 -14.46 10.74 -31.17
C LYS C 95 -15.05 9.91 -30.04
N LEU C 96 -14.26 8.95 -29.57
CA LEU C 96 -14.67 8.12 -28.44
C LEU C 96 -14.55 8.88 -27.13
N ASP C 97 -15.49 8.59 -26.22
CA ASP C 97 -15.41 9.05 -24.85
C ASP C 97 -14.88 8.00 -23.90
N GLY C 98 -14.94 6.72 -24.26
CA GLY C 98 -14.50 5.69 -23.34
C GLY C 98 -13.90 4.51 -24.08
N VAL C 99 -13.00 3.81 -23.41
CA VAL C 99 -12.39 2.58 -23.90
C VAL C 99 -12.30 1.60 -22.74
N VAL C 100 -12.74 0.36 -22.97
CA VAL C 100 -12.63 -0.70 -21.96
C VAL C 100 -11.64 -1.75 -22.47
N HIS C 101 -10.57 -1.96 -21.69
CA HIS C 101 -9.62 -3.04 -21.89
C HIS C 101 -10.07 -4.18 -20.98
N SER C 102 -10.54 -5.29 -21.56
CA SER C 102 -10.92 -6.46 -20.79
C SER C 102 -10.28 -7.68 -21.42
N ILE C 103 -8.95 -7.61 -21.54
CA ILE C 103 -8.15 -8.63 -22.20
C ILE C 103 -7.13 -9.15 -21.19
N GLY C 104 -7.20 -10.43 -20.89
CA GLY C 104 -6.30 -11.03 -19.94
C GLY C 104 -6.06 -12.46 -20.36
N PHE C 105 -4.81 -12.87 -20.47
CA PHE C 105 -4.50 -14.25 -20.86
C PHE C 105 -3.10 -14.60 -20.39
N MET C 106 -2.94 -15.84 -19.93
CA MET C 106 -1.68 -16.37 -19.55
C MET C 106 -1.73 -17.85 -19.93
N PRO C 107 -0.75 -18.35 -20.68
CA PRO C 107 -0.77 -19.78 -21.02
C PRO C 107 -0.86 -20.65 -19.77
N GLN C 108 -1.45 -21.83 -19.92
CA GLN C 108 -1.75 -22.63 -18.72
C GLN C 108 -0.48 -23.08 -18.02
N SER C 109 0.65 -23.20 -18.72
CA SER C 109 1.90 -23.52 -18.02
C SER C 109 2.22 -22.50 -16.94
N GLY C 110 1.66 -21.31 -17.02
CA GLY C 110 1.89 -20.27 -16.03
C GLY C 110 0.90 -20.21 -14.90
N MET C 111 0.02 -21.21 -14.78
CA MET C 111 -1.10 -21.10 -13.85
C MET C 111 -1.47 -22.46 -13.30
N GLY C 112 -2.29 -22.44 -12.24
CA GLY C 112 -2.91 -23.68 -11.75
C GLY C 112 -1.94 -24.50 -10.92
N VAL C 113 -1.88 -25.81 -11.19
CA VAL C 113 -0.98 -26.67 -10.43
C VAL C 113 0.34 -26.93 -11.17
N ASN C 114 0.54 -26.28 -12.32
CA ASN C 114 1.88 -26.28 -12.90
C ASN C 114 2.83 -25.60 -11.93
N PRO C 115 3.97 -26.20 -11.62
CA PRO C 115 4.92 -25.53 -10.74
C PRO C 115 5.26 -24.14 -11.27
N PHE C 116 5.23 -23.15 -10.38
CA PHE C 116 5.55 -21.78 -10.78
C PHE C 116 6.89 -21.69 -11.51
N PHE C 117 7.89 -22.43 -11.02
CA PHE C 117 9.23 -22.40 -11.62
C PHE C 117 9.30 -23.03 -13.02
N ASP C 118 8.31 -23.80 -13.45
CA ASP C 118 8.43 -24.52 -14.72
C ASP C 118 7.87 -23.75 -15.90
N ALA C 119 7.27 -22.59 -15.67
CA ALA C 119 6.64 -21.87 -16.77
C ALA C 119 7.71 -21.41 -17.75
N PRO C 120 7.62 -21.76 -19.02
CA PRO C 120 8.64 -21.32 -19.99
C PRO C 120 8.57 -19.82 -20.21
N PHE C 121 9.73 -19.18 -20.41
CA PHE C 121 9.68 -17.74 -20.60
C PHE C 121 8.78 -17.35 -21.77
N ALA C 122 8.82 -18.11 -22.87
CA ALA C 122 8.02 -17.76 -24.04
C ALA C 122 6.56 -17.65 -23.66
N ASP C 123 6.07 -18.57 -22.82
CA ASP C 123 4.68 -18.52 -22.39
C ASP C 123 4.40 -17.30 -21.53
N VAL C 124 5.29 -17.02 -20.57
CA VAL C 124 5.03 -15.91 -19.66
C VAL C 124 5.10 -14.60 -20.43
N SER C 125 6.05 -14.50 -21.37
CA SER C 125 6.18 -13.29 -22.19
C SER C 125 4.89 -13.02 -22.96
N LYS C 126 4.29 -14.07 -23.49
CA LYS C 126 3.03 -13.90 -24.22
C LYS C 126 1.92 -13.44 -23.28
N GLY C 127 1.84 -14.02 -22.09
CA GLY C 127 0.84 -13.59 -21.13
C GLY C 127 1.05 -12.14 -20.73
N PHE C 128 2.31 -11.75 -20.52
CA PHE C 128 2.65 -10.35 -20.26
C PHE C 128 2.22 -9.45 -21.41
N HIS C 129 2.47 -9.88 -22.64
CA HIS C 129 2.10 -9.10 -23.82
C HIS C 129 0.60 -8.85 -23.85
N ILE C 130 -0.19 -9.92 -23.70
CA ILE C 130 -1.63 -9.81 -23.86
C ILE C 130 -2.25 -9.09 -22.67
N SER C 131 -1.75 -9.37 -21.47
CA SER C 131 -2.44 -8.92 -20.26
C SER C 131 -1.98 -7.57 -19.73
N ALA C 132 -0.74 -7.18 -20.01
CA ALA C 132 -0.20 -5.95 -19.43
C ALA C 132 0.28 -5.01 -20.50
N PHE C 133 1.17 -5.48 -21.38
CA PHE C 133 1.69 -4.60 -22.41
C PHE C 133 0.56 -4.03 -23.26
N SER C 134 -0.44 -4.86 -23.60
CA SER C 134 -1.50 -4.43 -24.51
C SER C 134 -2.37 -3.33 -23.93
N TYR C 135 -2.33 -3.11 -22.61
CA TYR C 135 -3.06 -1.96 -22.10
C TYR C 135 -2.42 -0.66 -22.59
N SER C 136 -1.09 -0.62 -22.64
CA SER C 136 -0.40 0.50 -23.27
C SER C 136 -0.66 0.54 -24.77
N SER C 137 -0.60 -0.62 -25.44
CA SER C 137 -0.81 -0.66 -26.89
C SER C 137 -2.17 -0.12 -27.27
N LEU C 138 -3.20 -0.54 -26.55
CA LEU C 138 -4.55 -0.11 -26.87
C LEU C 138 -4.71 1.39 -26.65
N ALA C 139 -4.19 1.89 -25.53
CA ALA C 139 -4.27 3.31 -25.25
C ALA C 139 -3.58 4.12 -26.35
N LYS C 140 -2.34 3.74 -26.69
CA LYS C 140 -1.63 4.43 -27.77
C LYS C 140 -2.46 4.44 -29.05
N ALA C 141 -3.14 3.33 -29.34
CA ALA C 141 -3.86 3.23 -30.60
C ALA C 141 -5.12 4.09 -30.61
N VAL C 142 -5.81 4.19 -29.47
CA VAL C 142 -7.11 4.84 -29.44
C VAL C 142 -7.06 6.30 -29.01
N LEU C 143 -6.04 6.71 -28.25
CA LEU C 143 -5.99 8.11 -27.79
C LEU C 143 -6.12 9.14 -28.92
N PRO C 144 -5.59 8.93 -30.13
CA PRO C 144 -5.80 9.95 -31.19
C PRO C 144 -7.27 10.20 -31.53
N VAL C 145 -8.18 9.31 -31.16
CA VAL C 145 -9.59 9.50 -31.47
C VAL C 145 -10.43 9.49 -30.20
N MET C 146 -9.86 9.94 -29.08
CA MET C 146 -10.63 10.11 -27.86
C MET C 146 -10.82 11.59 -27.55
N ASN C 147 -11.98 11.90 -26.99
CA ASN C 147 -12.28 13.26 -26.56
C ASN C 147 -11.52 13.61 -25.31
N ARG C 148 -11.23 14.90 -25.16
CA ARG C 148 -10.78 15.39 -23.88
CA ARG C 148 -10.77 15.40 -23.88
C ARG C 148 -11.84 15.09 -22.83
N GLY C 149 -11.39 14.69 -21.64
CA GLY C 149 -12.31 14.27 -20.60
C GLY C 149 -12.76 12.82 -20.72
N GLY C 150 -12.19 12.07 -21.67
CA GLY C 150 -12.55 10.67 -21.83
C GLY C 150 -11.91 9.76 -20.81
N SER C 151 -12.24 8.49 -20.92
CA SER C 151 -11.90 7.54 -19.87
C SER C 151 -11.52 6.18 -20.42
N ILE C 152 -10.36 5.65 -20.01
CA ILE C 152 -9.93 4.31 -20.35
C ILE C 152 -9.95 3.48 -19.07
N VAL C 153 -10.56 2.30 -19.13
CA VAL C 153 -10.69 1.43 -17.95
C VAL C 153 -10.23 0.03 -18.33
N GLY C 154 -9.36 -0.55 -17.48
CA GLY C 154 -8.93 -1.93 -17.66
C GLY C 154 -9.35 -2.80 -16.48
N MET C 155 -9.33 -4.12 -16.63
CA MET C 155 -9.74 -5.03 -15.58
C MET C 155 -8.52 -5.59 -14.86
N ASP C 156 -8.62 -5.70 -13.54
CA ASP C 156 -7.55 -6.11 -12.66
C ASP C 156 -8.05 -7.19 -11.69
N PHE C 157 -7.12 -7.96 -11.16
CA PHE C 157 -7.40 -8.85 -10.04
C PHE C 157 -6.26 -8.65 -9.06
N ASP C 158 -6.58 -8.14 -7.86
CA ASP C 158 -5.60 -7.57 -6.95
C ASP C 158 -4.37 -8.47 -6.79
N PRO C 159 -3.18 -8.02 -7.21
CA PRO C 159 -1.99 -8.89 -7.16
C PRO C 159 -0.99 -8.48 -6.07
N THR C 160 -1.46 -7.68 -5.09
CA THR C 160 -0.60 -7.16 -4.03
C THR C 160 0.05 -8.28 -3.22
N ARG C 161 -0.64 -9.40 -3.07
CA ARG C 161 -0.14 -10.56 -2.35
CA ARG C 161 -0.14 -10.57 -2.35
C ARG C 161 -0.17 -11.78 -3.27
N ALA C 162 0.79 -12.68 -3.07
CA ALA C 162 0.80 -13.90 -3.88
C ALA C 162 -0.33 -14.83 -3.42
N MET C 163 -0.75 -15.69 -4.32
CA MET C 163 -1.96 -16.50 -4.15
CA MET C 163 -1.85 -16.57 -4.00
C MET C 163 -1.71 -17.86 -4.80
N PRO C 164 -2.38 -18.93 -4.36
CA PRO C 164 -2.34 -20.20 -5.12
C PRO C 164 -2.94 -20.01 -6.49
N ALA C 165 -2.46 -20.82 -7.44
CA ALA C 165 -3.01 -20.99 -8.79
C ALA C 165 -2.88 -19.79 -9.72
N TYR C 166 -3.08 -18.56 -9.22
CA TYR C 166 -3.11 -17.44 -10.16
C TYR C 166 -1.70 -17.18 -10.71
N ASN C 167 -0.68 -17.48 -9.91
CA ASN C 167 0.70 -17.68 -10.34
C ASN C 167 1.17 -16.58 -11.28
N TRP C 168 1.57 -16.91 -12.50
CA TRP C 168 2.14 -15.86 -13.34
C TRP C 168 1.12 -14.84 -13.82
N MET C 169 -0.18 -15.18 -13.82
CA MET C 169 -1.17 -14.15 -14.13
C MET C 169 -1.14 -13.04 -13.07
N THR C 170 -0.82 -13.40 -11.83
CA THR C 170 -0.66 -12.39 -10.78
C THR C 170 0.44 -11.42 -11.15
N VAL C 171 1.56 -11.95 -11.63
CA VAL C 171 2.70 -11.14 -12.04
C VAL C 171 2.32 -10.23 -13.19
N ALA C 172 1.55 -10.75 -14.15
CA ALA C 172 1.08 -9.92 -15.25
C ALA C 172 0.18 -8.81 -14.74
N LYS C 173 -0.67 -9.09 -13.75
CA LYS C 173 -1.52 -8.02 -13.22
C LYS C 173 -0.70 -6.99 -12.44
N SER C 174 0.31 -7.43 -11.68
CA SER C 174 1.20 -6.45 -11.06
C SER C 174 1.81 -5.55 -12.13
N ALA C 175 2.23 -6.13 -13.25
CA ALA C 175 2.77 -5.29 -14.32
C ALA C 175 1.71 -4.38 -14.89
N LEU C 176 0.49 -4.91 -15.08
CA LEU C 176 -0.60 -4.08 -15.59
C LEU C 176 -0.85 -2.86 -14.71
N GLU C 177 -0.86 -3.05 -13.38
CA GLU C 177 -1.07 -1.90 -12.50
C GLU C 177 -0.01 -0.84 -12.73
N SER C 178 1.24 -1.26 -12.93
CA SER C 178 2.30 -0.29 -13.20
C SER C 178 2.09 0.39 -14.54
N VAL C 179 1.79 -0.40 -15.58
CA VAL C 179 1.49 0.19 -16.91
C VAL C 179 0.38 1.22 -16.78
N ASN C 180 -0.65 0.90 -15.97
CA ASN C 180 -1.77 1.84 -15.84
C ASN C 180 -1.30 3.21 -15.36
N ARG C 181 -0.31 3.25 -14.47
CA ARG C 181 0.14 4.56 -13.98
C ARG C 181 0.88 5.35 -15.04
N PHE C 182 1.67 4.67 -15.88
CA PHE C 182 2.31 5.38 -16.99
C PHE C 182 1.29 5.77 -18.06
N VAL C 183 0.35 4.88 -18.38
CA VAL C 183 -0.68 5.26 -19.34
C VAL C 183 -1.45 6.48 -18.85
N ALA C 184 -1.75 6.54 -17.55
CA ALA C 184 -2.44 7.74 -17.04
C ALA C 184 -1.62 8.99 -17.28
N ARG C 185 -0.29 8.91 -17.09
CA ARG C 185 0.58 10.05 -17.37
C ARG C 185 0.46 10.48 -18.83
N GLU C 186 0.51 9.51 -19.75
CA GLU C 186 0.46 9.82 -21.18
C GLU C 186 -0.94 10.30 -21.59
N ALA C 187 -1.97 9.58 -21.16
CA ALA C 187 -3.34 9.95 -21.48
C ALA C 187 -3.71 11.29 -20.89
N GLY C 188 -3.18 11.62 -19.71
CA GLY C 188 -3.53 12.89 -19.10
C GLY C 188 -3.13 14.09 -19.95
N LYS C 189 -2.07 13.92 -20.76
CA LYS C 189 -1.63 15.04 -21.60
C LYS C 189 -2.68 15.45 -22.59
N VAL C 190 -3.64 14.57 -22.91
CA VAL C 190 -4.73 14.96 -23.80
C VAL C 190 -6.06 14.86 -23.06
N GLY C 191 -6.02 14.99 -21.73
CA GLY C 191 -7.22 15.08 -20.92
C GLY C 191 -7.99 13.78 -20.74
N VAL C 192 -7.33 12.64 -20.86
CA VAL C 192 -8.00 11.35 -20.75
C VAL C 192 -7.56 10.64 -19.47
N ARG C 193 -8.52 10.06 -18.76
CA ARG C 193 -8.24 9.31 -17.53
C ARG C 193 -7.95 7.85 -17.87
N SER C 194 -7.16 7.21 -17.00
CA SER C 194 -6.86 5.77 -17.10
C SER C 194 -6.98 5.15 -15.72
N ASN C 195 -7.80 4.10 -15.59
CA ASN C 195 -8.00 3.48 -14.28
C ASN C 195 -8.22 1.98 -14.46
N LEU C 196 -7.97 1.23 -13.40
CA LEU C 196 -8.29 -0.19 -13.38
C LEU C 196 -9.39 -0.46 -12.37
N VAL C 197 -10.19 -1.49 -12.64
CA VAL C 197 -11.16 -1.99 -11.68
C VAL C 197 -10.64 -3.34 -11.19
N ALA C 198 -10.35 -3.43 -9.91
CA ALA C 198 -9.91 -4.69 -9.31
C ALA C 198 -11.15 -5.41 -8.82
N ALA C 199 -11.60 -6.38 -9.61
CA ALA C 199 -12.83 -7.10 -9.36
C ALA C 199 -12.57 -8.26 -8.42
N GLY C 200 -13.56 -8.60 -7.60
CA GLY C 200 -13.57 -9.88 -6.95
C GLY C 200 -13.70 -10.98 -7.99
N PRO C 201 -13.53 -12.23 -7.57
CA PRO C 201 -13.59 -13.34 -8.51
C PRO C 201 -15.00 -13.60 -9.01
N ILE C 202 -15.12 -13.83 -10.31
CA ILE C 202 -16.39 -14.13 -10.95
C ILE C 202 -16.29 -15.54 -11.52
N ARG C 203 -17.23 -16.39 -11.15
CA ARG C 203 -17.17 -17.81 -11.48
C ARG C 203 -17.43 -18.01 -12.95
N THR C 204 -16.53 -18.75 -13.61
CA THR C 204 -16.60 -18.99 -15.03
C THR C 204 -16.69 -20.49 -15.27
N LEU C 205 -17.64 -20.87 -16.11
CA LEU C 205 -17.85 -22.24 -16.54
C LEU C 205 -17.21 -22.46 -17.92
N ALA C 206 -16.71 -23.67 -18.13
CA ALA C 206 -16.17 -24.05 -19.43
C ALA C 206 -16.44 -25.53 -19.65
N MET C 207 -16.54 -25.91 -20.92
CA MET C 207 -16.90 -27.26 -21.29
C MET C 207 -15.65 -28.13 -21.37
N SER C 208 -15.78 -29.38 -20.93
CA SER C 208 -14.69 -30.33 -21.14
C SER C 208 -14.57 -30.63 -22.63
N ALA C 209 -13.32 -30.65 -23.11
CA ALA C 209 -13.01 -30.70 -24.54
C ALA C 209 -13.04 -32.15 -25.04
N ILE C 210 -14.25 -32.71 -25.01
CA ILE C 210 -14.47 -34.11 -25.40
C ILE C 210 -15.92 -34.25 -25.84
N VAL C 211 -16.18 -35.23 -26.72
CA VAL C 211 -17.55 -35.51 -27.17
CA VAL C 211 -17.55 -35.49 -27.17
C VAL C 211 -18.39 -35.91 -25.97
N GLY C 212 -19.59 -35.32 -25.85
CA GLY C 212 -20.40 -35.51 -24.68
C GLY C 212 -20.04 -34.60 -23.53
N GLY C 213 -19.17 -33.61 -23.77
CA GLY C 213 -18.68 -32.79 -22.68
C GLY C 213 -19.77 -31.93 -22.05
N ALA C 214 -19.59 -31.66 -20.76
CA ALA C 214 -20.47 -30.80 -20.00
C ALA C 214 -19.70 -29.58 -19.54
N LEU C 215 -20.44 -28.57 -19.08
CA LEU C 215 -19.87 -27.38 -18.46
C LEU C 215 -19.44 -27.67 -17.03
N GLY C 216 -18.49 -26.88 -16.56
CA GLY C 216 -18.02 -26.99 -15.19
C GLY C 216 -17.04 -25.88 -14.87
N ASP C 217 -16.85 -25.64 -13.58
CA ASP C 217 -16.00 -24.55 -13.10
C ASP C 217 -14.59 -24.69 -13.66
N GLU C 218 -14.03 -23.57 -14.12
CA GLU C 218 -12.66 -23.55 -14.63
C GLU C 218 -11.65 -23.65 -13.51
N ALA C 219 -11.93 -23.04 -12.37
CA ALA C 219 -11.00 -23.09 -11.25
C ALA C 219 -10.84 -24.53 -10.76
N GLY C 220 -9.60 -24.92 -10.53
CA GLY C 220 -9.32 -26.13 -9.80
C GLY C 220 -9.56 -25.96 -8.32
N GLN C 221 -9.31 -27.05 -7.59
CA GLN C 221 -9.57 -27.06 -6.15
C GLN C 221 -8.96 -25.86 -5.44
N GLN C 222 -7.65 -25.63 -5.64
CA GLN C 222 -6.99 -24.58 -4.88
C GLN C 222 -7.55 -23.21 -5.23
N MET C 223 -7.80 -22.99 -6.52
CA MET C 223 -8.35 -21.70 -6.94
C MET C 223 -9.76 -21.51 -6.38
N GLN C 224 -10.57 -22.56 -6.37
CA GLN C 224 -11.91 -22.44 -5.81
C GLN C 224 -11.86 -22.08 -4.33
N LEU C 225 -11.02 -22.77 -3.55
CA LEU C 225 -10.89 -22.45 -2.13
CA LEU C 225 -10.91 -22.44 -2.13
C LEU C 225 -10.46 -21.01 -1.93
N LEU C 226 -9.50 -20.55 -2.73
CA LEU C 226 -9.06 -19.16 -2.67
C LEU C 226 -10.24 -18.22 -2.93
N GLU C 227 -11.03 -18.50 -3.96
CA GLU C 227 -12.08 -17.58 -4.36
C GLU C 227 -13.21 -17.54 -3.35
N GLU C 228 -13.48 -18.66 -2.68
CA GLU C 228 -14.55 -18.69 -1.69
C GLU C 228 -14.24 -17.81 -0.51
N GLY C 229 -12.97 -17.40 -0.33
CA GLY C 229 -12.65 -16.50 0.76
C GLY C 229 -13.29 -15.13 0.62
N TRP C 230 -13.58 -14.69 -0.62
CA TRP C 230 -14.05 -13.31 -0.80
C TRP C 230 -15.35 -13.08 -0.05
N ASP C 231 -16.34 -13.97 -0.23
CA ASP C 231 -17.62 -13.75 0.44
C ASP C 231 -17.51 -13.85 1.95
N GLN C 232 -16.53 -14.63 2.45
CA GLN C 232 -16.32 -14.73 3.89
C GLN C 232 -15.79 -13.42 4.47
N ARG C 233 -14.89 -12.75 3.72
CA ARG C 233 -14.17 -11.53 4.12
C ARG C 233 -14.98 -10.29 3.83
N ALA C 234 -15.72 -10.28 2.73
CA ALA C 234 -16.40 -9.07 2.27
C ALA C 234 -17.43 -8.58 3.28
N PRO C 235 -17.31 -7.35 3.79
CA PRO C 235 -18.33 -6.85 4.74
C PRO C 235 -19.74 -6.86 4.16
N ILE C 236 -19.90 -6.67 2.85
CA ILE C 236 -21.21 -6.71 2.24
C ILE C 236 -21.42 -7.97 1.43
N GLY C 237 -20.55 -8.96 1.62
CA GLY C 237 -20.66 -10.21 0.90
C GLY C 237 -20.12 -10.09 -0.51
N TRP C 238 -19.98 -11.24 -1.16
CA TRP C 238 -19.50 -11.27 -2.53
C TRP C 238 -20.17 -12.43 -3.26
N ASP C 239 -20.84 -12.13 -4.37
CA ASP C 239 -21.58 -13.12 -5.15
C ASP C 239 -20.77 -13.43 -6.39
N MET C 240 -20.08 -14.58 -6.40
CA MET C 240 -19.24 -14.92 -7.54
C MET C 240 -20.05 -15.16 -8.81
N LYS C 241 -21.36 -15.35 -8.71
CA LYS C 241 -22.18 -15.58 -9.88
C LYS C 241 -22.78 -14.29 -10.43
N ASP C 242 -22.41 -13.13 -9.89
CA ASP C 242 -23.03 -11.86 -10.25
C ASP C 242 -22.04 -10.86 -10.80
N PRO C 243 -21.91 -10.75 -12.13
CA PRO C 243 -20.99 -9.78 -12.71
C PRO C 243 -21.48 -8.35 -12.64
N THR C 244 -22.76 -8.13 -12.34
CA THR C 244 -23.35 -6.80 -12.45
C THR C 244 -22.65 -5.74 -11.60
N PRO C 245 -22.32 -5.99 -10.32
CA PRO C 245 -21.65 -4.92 -9.56
C PRO C 245 -20.32 -4.50 -10.18
N VAL C 246 -19.60 -5.44 -10.77
CA VAL C 246 -18.35 -5.11 -11.45
C VAL C 246 -18.62 -4.27 -12.69
N ALA C 247 -19.61 -4.68 -13.49
CA ALA C 247 -19.95 -3.93 -14.70
C ALA C 247 -20.39 -2.50 -14.35
N LYS C 248 -21.18 -2.35 -13.27
CA LYS C 248 -21.60 -1.01 -12.87
C LYS C 248 -20.41 -0.16 -12.49
N THR C 249 -19.42 -0.76 -11.82
CA THR C 249 -18.25 -0.01 -11.37
C THR C 249 -17.44 0.50 -12.56
N VAL C 250 -17.23 -0.36 -13.55
CA VAL C 250 -16.58 0.08 -14.78
C VAL C 250 -17.33 1.28 -15.38
N CYS C 251 -18.66 1.18 -15.44
CA CYS C 251 -19.44 2.29 -16.01
C CYS C 251 -19.31 3.55 -15.17
N ALA C 252 -19.24 3.41 -13.84
CA ALA C 252 -18.95 4.59 -13.01
C ALA C 252 -17.67 5.28 -13.45
N LEU C 253 -16.62 4.51 -13.73
CA LEU C 253 -15.37 5.11 -14.16
C LEU C 253 -15.47 5.66 -15.58
N LEU C 254 -16.31 5.08 -16.43
CA LEU C 254 -16.53 5.61 -17.77
C LEU C 254 -17.35 6.89 -17.74
N SER C 255 -18.05 7.14 -16.65
CA SER C 255 -18.89 8.33 -16.53
C SER C 255 -18.05 9.55 -16.16
N ASP C 256 -18.73 10.67 -15.97
CA ASP C 256 -18.06 11.90 -15.53
C ASP C 256 -18.14 12.10 -14.03
N TRP C 257 -18.45 11.03 -13.27
CA TRP C 257 -18.67 11.11 -11.83
C TRP C 257 -17.44 10.79 -10.97
N LEU C 258 -16.35 10.33 -11.57
CA LEU C 258 -15.05 10.28 -10.89
C LEU C 258 -14.03 11.09 -11.70
N PRO C 259 -14.29 12.39 -11.89
CA PRO C 259 -13.54 13.16 -12.90
C PRO C 259 -12.14 13.51 -12.47
N ALA C 260 -11.79 13.25 -11.22
CA ALA C 260 -10.47 13.55 -10.67
C ALA C 260 -9.71 12.29 -10.28
N THR C 261 -10.13 11.12 -10.76
CA THR C 261 -9.45 9.88 -10.46
C THR C 261 -8.72 9.41 -11.72
N THR C 262 -7.41 9.18 -11.61
CA THR C 262 -6.70 8.61 -12.74
C THR C 262 -5.43 7.94 -12.24
N GLY C 263 -4.87 7.07 -13.10
CA GLY C 263 -3.77 6.20 -12.71
C GLY C 263 -4.09 5.28 -11.54
N ASP C 264 -5.36 5.01 -11.28
CA ASP C 264 -5.78 4.45 -10.01
C ASP C 264 -6.39 3.06 -10.19
N ILE C 265 -6.75 2.48 -9.05
CA ILE C 265 -7.34 1.14 -8.98
C ILE C 265 -8.56 1.25 -8.07
N ILE C 266 -9.73 0.94 -8.62
CA ILE C 266 -10.99 0.96 -7.87
C ILE C 266 -11.40 -0.49 -7.64
N PHE C 267 -11.63 -0.84 -6.38
CA PHE C 267 -11.94 -2.21 -6.01
C PHE C 267 -13.44 -2.45 -6.02
N ALA C 268 -13.88 -3.47 -6.76
CA ALA C 268 -15.26 -3.91 -6.79
C ALA C 268 -15.26 -5.36 -6.31
N ASP C 269 -15.14 -5.55 -5.00
CA ASP C 269 -14.81 -6.86 -4.46
C ASP C 269 -15.55 -7.12 -3.17
N GLY C 270 -16.61 -6.37 -2.90
CA GLY C 270 -17.34 -6.50 -1.65
C GLY C 270 -16.61 -5.96 -0.44
N GLY C 271 -15.50 -5.26 -0.64
CA GLY C 271 -14.64 -4.83 0.45
C GLY C 271 -13.71 -5.91 0.97
N ALA C 272 -13.60 -7.05 0.26
CA ALA C 272 -12.83 -8.18 0.79
C ALA C 272 -11.38 -7.82 1.04
N HIS C 273 -10.80 -6.97 0.19
CA HIS C 273 -9.36 -6.68 0.33
C HIS C 273 -9.06 -5.79 1.53
N THR C 274 -10.08 -5.28 2.22
CA THR C 274 -9.89 -4.40 3.37
C THR C 274 -9.95 -5.15 4.69
N GLN C 275 -10.16 -6.47 4.66
CA GLN C 275 -10.41 -7.26 5.86
C GLN C 275 -9.46 -8.45 5.88
N LEU C 276 -9.14 -8.91 7.09
CA LEU C 276 -8.30 -10.08 7.30
C LEU C 276 -8.94 -10.99 8.35
N LEU C 277 -9.20 -12.25 8.00
CA LEU C 277 -9.71 -13.23 8.97
C LEU C 277 -8.67 -14.30 9.34
N GLY D 11 -31.43 12.24 -12.29
CA GLY D 11 -30.50 12.56 -11.23
C GLY D 11 -29.78 11.36 -10.66
N LEU D 12 -28.47 11.51 -10.44
CA LEU D 12 -27.66 10.42 -9.92
C LEU D 12 -28.18 9.92 -8.58
N LEU D 13 -28.80 10.80 -7.79
CA LEU D 13 -29.26 10.45 -6.45
C LEU D 13 -30.75 10.66 -6.31
N GLU D 14 -31.50 10.44 -7.39
CA GLU D 14 -32.93 10.73 -7.39
C GLU D 14 -33.66 9.94 -6.31
N GLY D 15 -34.42 10.66 -5.50
CA GLY D 15 -35.21 10.02 -4.45
C GLY D 15 -34.44 9.54 -3.25
N LYS D 16 -33.14 9.82 -3.15
CA LYS D 16 -32.36 9.40 -2.00
C LYS D 16 -32.41 10.45 -0.90
N ARG D 17 -32.40 9.98 0.34
CA ARG D 17 -32.40 10.86 1.52
C ARG D 17 -31.01 10.80 2.13
N ILE D 18 -30.34 11.94 2.24
CA ILE D 18 -28.94 11.96 2.60
C ILE D 18 -28.69 12.97 3.71
N LEU D 19 -28.02 12.51 4.78
CA LEU D 19 -27.57 13.38 5.86
C LEU D 19 -26.18 13.92 5.53
N VAL D 20 -25.99 15.24 5.65
CA VAL D 20 -24.71 15.86 5.34
C VAL D 20 -24.24 16.65 6.55
N THR D 21 -23.11 16.25 7.13
CA THR D 21 -22.48 16.95 8.22
C THR D 21 -21.40 17.88 7.68
N GLY D 22 -21.00 18.84 8.50
CA GLY D 22 -19.76 19.56 8.27
C GLY D 22 -19.85 20.82 7.44
N ILE D 23 -21.05 21.33 7.18
CA ILE D 23 -21.19 22.61 6.49
C ILE D 23 -20.94 23.73 7.50
N ILE D 24 -19.82 24.42 7.36
CA ILE D 24 -19.47 25.54 8.21
C ILE D 24 -19.61 26.85 7.46
N THR D 25 -19.00 26.94 6.28
CA THR D 25 -19.08 28.09 5.40
C THR D 25 -19.55 27.61 4.03
N ASP D 26 -19.79 28.56 3.13
CA ASP D 26 -20.11 28.19 1.76
C ASP D 26 -18.88 27.71 1.00
N SER D 27 -17.74 27.62 1.67
CA SER D 27 -16.54 27.02 1.10
CA SER D 27 -16.53 27.02 1.10
C SER D 27 -16.21 25.66 1.69
N SER D 28 -16.90 25.25 2.77
CA SER D 28 -16.80 23.88 3.27
C SER D 28 -17.05 22.92 2.12
N ILE D 29 -16.21 21.89 2.01
CA ILE D 29 -16.44 20.87 0.99
C ILE D 29 -17.83 20.27 1.14
N ALA D 30 -18.33 20.18 2.38
CA ALA D 30 -19.67 19.63 2.59
C ALA D 30 -20.74 20.48 1.92
N PHE D 31 -20.51 21.80 1.79
CA PHE D 31 -21.48 22.65 1.09
C PHE D 31 -21.59 22.21 -0.36
N HIS D 32 -20.45 21.95 -0.99
CA HIS D 32 -20.46 21.60 -2.41
C HIS D 32 -20.97 20.19 -2.63
N ILE D 33 -20.69 19.28 -1.69
CA ILE D 33 -21.33 17.96 -1.70
C ILE D 33 -22.83 18.10 -1.65
N ALA D 34 -23.33 18.90 -0.71
CA ALA D 34 -24.78 19.10 -0.57
C ALA D 34 -25.36 19.73 -1.83
N LYS D 35 -24.64 20.69 -2.43
CA LYS D 35 -25.11 21.32 -3.67
C LYS D 35 -25.29 20.29 -4.78
N VAL D 36 -24.24 19.51 -5.05
CA VAL D 36 -24.32 18.53 -6.13
C VAL D 36 -25.38 17.48 -5.82
N ALA D 37 -25.46 17.04 -4.57
CA ALA D 37 -26.47 16.03 -4.24
C ALA D 37 -27.87 16.55 -4.50
N GLN D 38 -28.15 17.80 -4.14
CA GLN D 38 -29.46 18.36 -4.43
C GLN D 38 -29.68 18.50 -5.94
N GLU D 39 -28.67 18.98 -6.66
CA GLU D 39 -28.80 19.06 -8.12
C GLU D 39 -29.08 17.70 -8.72
N GLN D 40 -28.64 16.62 -8.06
CA GLN D 40 -28.82 15.26 -8.53
C GLN D 40 -30.05 14.58 -7.92
N GLY D 41 -30.97 15.34 -7.32
CA GLY D 41 -32.25 14.81 -6.91
C GLY D 41 -32.34 14.32 -5.49
N ALA D 42 -31.28 14.45 -4.70
CA ALA D 42 -31.31 14.00 -3.31
C ALA D 42 -32.10 14.97 -2.44
N GLU D 43 -32.69 14.43 -1.38
CA GLU D 43 -33.35 15.21 -0.33
C GLU D 43 -32.45 15.15 0.90
N LEU D 44 -32.03 16.30 1.40
CA LEU D 44 -31.00 16.36 2.41
C LEU D 44 -31.56 16.65 3.80
N VAL D 45 -30.82 16.15 4.79
CA VAL D 45 -30.88 16.61 6.18
C VAL D 45 -29.47 17.07 6.55
N LEU D 46 -29.35 18.25 7.14
CA LEU D 46 -28.07 18.86 7.44
C LEU D 46 -27.87 18.93 8.95
N THR D 47 -26.61 18.94 9.38
CA THR D 47 -26.30 19.09 10.80
C THR D 47 -25.40 20.30 11.04
N GLY D 48 -25.46 20.81 12.26
CA GLY D 48 -24.53 21.85 12.68
C GLY D 48 -24.43 21.82 14.18
N PHE D 49 -23.46 22.54 14.73
CA PHE D 49 -23.40 22.66 16.19
CA PHE D 49 -23.33 22.64 16.18
C PHE D 49 -23.13 24.09 16.62
N ASP D 50 -22.21 24.78 15.96
CA ASP D 50 -21.84 26.13 16.35
C ASP D 50 -22.66 27.13 15.54
N ARG D 51 -23.28 28.07 16.23
CA ARG D 51 -24.04 29.15 15.60
C ARG D 51 -25.00 28.60 14.55
N LEU D 52 -26.02 27.89 15.04
CA LEU D 52 -26.96 27.25 14.11
C LEU D 52 -27.63 28.28 13.21
N ARG D 53 -27.88 29.49 13.72
CA ARG D 53 -28.45 30.54 12.89
C ARG D 53 -27.50 30.94 11.76
N LEU D 54 -26.21 31.01 12.06
CA LEU D 54 -25.23 31.27 11.01
C LEU D 54 -25.16 30.14 10.00
N ILE D 55 -25.42 28.90 10.44
CA ILE D 55 -25.41 27.76 9.53
C ILE D 55 -26.68 27.75 8.68
N GLU D 56 -27.83 28.08 9.29
CA GLU D 56 -29.05 28.25 8.51
C GLU D 56 -28.83 29.28 7.39
N ARG D 57 -28.05 30.33 7.67
CA ARG D 57 -27.84 31.37 6.67
C ARG D 57 -26.97 30.86 5.52
N ILE D 58 -25.96 30.05 5.84
CA ILE D 58 -25.13 29.46 4.79
C ILE D 58 -25.96 28.50 3.93
N THR D 59 -26.72 27.61 4.58
CA THR D 59 -27.45 26.59 3.83
C THR D 59 -28.64 27.14 3.06
N GLN D 60 -29.03 28.40 3.30
CA GLN D 60 -30.05 29.01 2.47
C GLN D 60 -29.54 29.27 1.05
N ARG D 61 -28.22 29.27 0.85
CA ARG D 61 -27.66 29.42 -0.49
C ARG D 61 -27.60 28.11 -1.26
N LEU D 62 -27.95 26.98 -0.63
CA LEU D 62 -28.06 25.72 -1.35
C LEU D 62 -29.22 25.78 -2.35
N PRO D 63 -29.19 24.94 -3.40
CA PRO D 63 -30.29 24.94 -4.38
C PRO D 63 -31.67 24.78 -3.78
N LYS D 64 -31.82 24.01 -2.70
CA LYS D 64 -33.12 23.65 -2.16
C LYS D 64 -33.10 23.70 -0.64
N PRO D 65 -34.27 23.90 -0.02
CA PRO D 65 -34.31 23.87 1.45
C PRO D 65 -34.01 22.50 2.02
N ALA D 66 -33.51 22.51 3.25
CA ALA D 66 -33.21 21.27 3.94
C ALA D 66 -33.26 21.54 5.42
N PRO D 67 -33.84 20.64 6.21
CA PRO D 67 -33.87 20.85 7.67
C PRO D 67 -32.48 20.74 8.28
N LEU D 68 -32.30 21.44 9.39
CA LEU D 68 -31.02 21.48 10.09
C LEU D 68 -31.20 20.88 11.47
N LEU D 69 -30.32 19.95 11.82
CA LEU D 69 -30.34 19.32 13.13
C LEU D 69 -29.06 19.64 13.87
N GLU D 70 -29.16 19.84 15.18
CA GLU D 70 -27.98 20.10 15.98
C GLU D 70 -27.25 18.81 16.27
N LEU D 71 -25.93 18.81 16.07
CA LEU D 71 -25.12 17.62 16.30
C LEU D 71 -23.69 18.06 16.62
N ASP D 72 -23.34 17.97 17.90
CA ASP D 72 -21.96 17.96 18.38
C ASP D 72 -21.53 16.51 18.47
N VAL D 73 -20.57 16.09 17.64
CA VAL D 73 -20.22 14.67 17.60
C VAL D 73 -19.46 14.22 18.83
N GLN D 74 -19.04 15.14 19.68
CA GLN D 74 -18.46 14.79 20.97
C GLN D 74 -19.51 14.60 22.05
N ASN D 75 -20.78 14.83 21.74
CA ASN D 75 -21.85 14.84 22.72
C ASN D 75 -22.67 13.57 22.53
N GLU D 76 -22.53 12.64 23.47
CA GLU D 76 -23.21 11.35 23.35
C GLU D 76 -24.73 11.48 23.44
N GLU D 77 -25.26 12.50 24.13
CA GLU D 77 -26.70 12.69 24.13
CA GLU D 77 -26.71 12.66 24.13
C GLU D 77 -27.20 13.14 22.76
N HIS D 78 -26.41 14.00 22.08
CA HIS D 78 -26.74 14.37 20.71
C HIS D 78 -26.72 13.15 19.80
N LEU D 79 -25.70 12.32 19.96
CA LEU D 79 -25.59 11.13 19.12
C LEU D 79 -26.72 10.15 19.37
N GLY D 80 -27.07 9.93 20.65
CA GLY D 80 -28.08 8.94 20.98
C GLY D 80 -29.48 9.30 20.51
N SER D 81 -29.78 10.61 20.43
CA SER D 81 -31.06 11.10 19.97
C SER D 81 -31.12 11.35 18.47
N LEU D 82 -29.98 11.30 17.78
CA LEU D 82 -29.92 11.72 16.38
C LEU D 82 -30.86 10.91 15.50
N ALA D 83 -30.86 9.58 15.66
CA ALA D 83 -31.71 8.75 14.82
C ALA D 83 -33.16 9.20 14.94
N GLY D 84 -33.66 9.32 16.17
CA GLY D 84 -35.04 9.74 16.36
C GLY D 84 -35.32 11.11 15.79
N ARG D 85 -34.35 12.03 15.91
CA ARG D 85 -34.53 13.36 15.35
C ARG D 85 -34.48 13.34 13.84
N ILE D 86 -33.72 12.42 13.25
CA ILE D 86 -33.77 12.25 11.81
C ILE D 86 -35.14 11.73 11.38
N SER D 87 -35.63 10.68 12.04
CA SER D 87 -36.93 10.10 11.68
C SER D 87 -38.03 11.14 11.76
N GLU D 88 -37.95 12.03 12.75
CA GLU D 88 -38.94 13.09 12.89
C GLU D 88 -38.97 13.99 11.66
N VAL D 89 -37.81 14.31 11.09
CA VAL D 89 -37.83 15.28 9.99
C VAL D 89 -38.02 14.64 8.61
N ILE D 90 -37.67 13.35 8.44
CA ILE D 90 -37.87 12.72 7.14
C ILE D 90 -39.14 11.88 7.07
N GLY D 91 -39.87 11.74 8.17
CA GLY D 91 -41.09 10.95 8.13
C GLY D 91 -40.90 9.59 8.75
N GLU D 92 -41.83 9.18 9.62
CA GLU D 92 -41.56 8.07 10.53
C GLU D 92 -41.38 6.74 9.80
N GLY D 93 -42.02 6.56 8.65
CA GLY D 93 -41.75 5.35 7.89
C GLY D 93 -40.47 5.36 7.05
N ASN D 94 -39.70 6.45 7.06
CA ASN D 94 -38.62 6.64 6.10
C ASN D 94 -37.26 6.44 6.74
N LYS D 95 -36.27 6.14 5.90
CA LYS D 95 -34.90 5.94 6.35
C LYS D 95 -33.94 6.67 5.41
N LEU D 96 -32.71 6.84 5.87
CA LEU D 96 -31.70 7.49 5.05
C LEU D 96 -31.05 6.50 4.10
N ASP D 97 -30.68 7.02 2.94
CA ASP D 97 -29.89 6.25 1.99
C ASP D 97 -28.41 6.60 2.03
N GLY D 98 -28.06 7.75 2.58
CA GLY D 98 -26.68 8.21 2.55
C GLY D 98 -26.37 9.05 3.77
N VAL D 99 -25.10 9.01 4.18
CA VAL D 99 -24.58 9.85 5.24
C VAL D 99 -23.20 10.34 4.82
N VAL D 100 -22.95 11.64 4.94
CA VAL D 100 -21.64 12.23 4.65
C VAL D 100 -21.03 12.72 5.94
N HIS D 101 -19.86 12.18 6.29
CA HIS D 101 -19.02 12.68 7.38
C HIS D 101 -17.99 13.64 6.78
N SER D 102 -18.10 14.94 7.08
CA SER D 102 -17.11 15.92 6.61
C SER D 102 -16.71 16.79 7.80
N ILE D 103 -16.11 16.12 8.77
CA ILE D 103 -15.79 16.70 10.07
C ILE D 103 -14.33 16.37 10.31
N GLY D 104 -13.50 17.39 10.35
CA GLY D 104 -12.09 17.20 10.61
C GLY D 104 -11.63 18.40 11.42
N PHE D 105 -10.90 18.16 12.51
CA PHE D 105 -10.40 19.25 13.34
C PHE D 105 -9.17 18.78 14.10
N MET D 106 -8.14 19.63 14.13
CA MET D 106 -7.01 19.36 14.99
C MET D 106 -6.61 20.70 15.61
N PRO D 107 -6.54 20.81 16.94
CA PRO D 107 -6.09 22.08 17.54
C PRO D 107 -4.77 22.53 16.92
N GLN D 108 -4.53 23.86 16.88
CA GLN D 108 -3.42 24.33 16.07
C GLN D 108 -2.07 23.91 16.64
N SER D 109 -2.01 23.53 17.93
CA SER D 109 -0.75 23.04 18.51
C SER D 109 -0.26 21.79 17.81
N GLY D 110 -1.18 21.01 17.24
CA GLY D 110 -0.89 19.81 16.50
C GLY D 110 -0.55 20.01 15.04
N MET D 111 -0.40 21.25 14.55
CA MET D 111 -0.24 21.48 13.12
C MET D 111 0.69 22.65 12.83
N GLY D 112 1.06 22.78 11.56
CA GLY D 112 1.84 23.91 11.08
C GLY D 112 3.28 23.93 11.52
N VAL D 113 3.77 25.11 11.91
CA VAL D 113 5.15 25.23 12.38
C VAL D 113 5.29 24.98 13.88
N ASN D 114 4.21 24.62 14.57
CA ASN D 114 4.36 24.09 15.92
C ASN D 114 5.18 22.81 15.85
N PRO D 115 6.20 22.64 16.68
CA PRO D 115 6.96 21.38 16.65
C PRO D 115 6.02 20.21 16.92
N PHE D 116 6.15 19.17 16.08
CA PHE D 116 5.38 17.96 16.24
C PHE D 116 5.45 17.44 17.68
N PHE D 117 6.65 17.44 18.27
CA PHE D 117 6.81 16.89 19.63
C PHE D 117 6.15 17.73 20.72
N ASP D 118 5.75 18.96 20.44
CA ASP D 118 5.23 19.84 21.48
C ASP D 118 3.72 19.84 21.59
N ALA D 119 3.02 19.09 20.73
CA ALA D 119 1.56 19.02 20.81
C ALA D 119 1.16 18.37 22.13
N PRO D 120 0.35 19.03 22.97
CA PRO D 120 -0.10 18.37 24.20
C PRO D 120 -1.08 17.24 23.92
N PHE D 121 -1.04 16.20 24.75
CA PHE D 121 -1.92 15.06 24.47
C PHE D 121 -3.39 15.45 24.46
N ALA D 122 -3.80 16.36 25.36
CA ALA D 122 -5.22 16.71 25.40
C ALA D 122 -5.68 17.30 24.07
N ASP D 123 -4.81 18.05 23.40
CA ASP D 123 -5.16 18.61 22.10
C ASP D 123 -5.25 17.53 21.06
N VAL D 124 -4.24 16.65 21.02
CA VAL D 124 -4.23 15.61 20.00
C VAL D 124 -5.40 14.66 20.22
N SER D 125 -5.71 14.32 21.48
CA SER D 125 -6.87 13.49 21.76
C SER D 125 -8.15 14.12 21.22
N LYS D 126 -8.32 15.43 21.42
CA LYS D 126 -9.54 16.09 20.92
C LYS D 126 -9.62 15.99 19.40
N GLY D 127 -8.51 16.22 18.71
CA GLY D 127 -8.48 16.09 17.25
C GLY D 127 -8.75 14.67 16.81
N PHE D 128 -8.22 13.71 17.54
CA PHE D 128 -8.52 12.32 17.25
C PHE D 128 -10.00 12.04 17.41
N HIS D 129 -10.59 12.59 18.47
CA HIS D 129 -12.02 12.39 18.74
C HIS D 129 -12.87 12.91 17.59
N ILE D 130 -12.67 14.17 17.22
CA ILE D 130 -13.50 14.81 16.21
C ILE D 130 -13.22 14.25 14.83
N SER D 131 -11.94 13.97 14.54
CA SER D 131 -11.56 13.65 13.17
C SER D 131 -11.62 12.16 12.84
N ALA D 132 -11.54 11.29 13.84
CA ALA D 132 -11.47 9.86 13.54
C ALA D 132 -12.50 9.07 14.33
N PHE D 133 -12.47 9.17 15.66
CA PHE D 133 -13.43 8.44 16.49
C PHE D 133 -14.86 8.75 16.06
N SER D 134 -15.15 10.02 15.77
CA SER D 134 -16.52 10.41 15.46
C SER D 134 -17.03 9.82 14.14
N TYR D 135 -16.15 9.32 13.26
CA TYR D 135 -16.66 8.58 12.11
C TYR D 135 -17.39 7.32 12.57
N SER D 136 -16.82 6.61 13.55
CA SER D 136 -17.52 5.49 14.15
C SER D 136 -18.77 5.95 14.91
N SER D 137 -18.67 7.03 15.69
CA SER D 137 -19.84 7.47 16.47
C SER D 137 -21.00 7.84 15.57
N LEU D 138 -20.73 8.56 14.48
CA LEU D 138 -21.79 8.96 13.57
C LEU D 138 -22.45 7.74 12.94
N ALA D 139 -21.63 6.81 12.45
CA ALA D 139 -22.16 5.57 11.88
C ALA D 139 -23.04 4.84 12.88
N LYS D 140 -22.54 4.65 14.12
CA LYS D 140 -23.34 4.00 15.17
C LYS D 140 -24.69 4.67 15.35
N ALA D 141 -24.71 6.00 15.34
CA ALA D 141 -25.91 6.77 15.64
C ALA D 141 -26.91 6.74 14.50
N VAL D 142 -26.44 6.59 13.26
CA VAL D 142 -27.33 6.71 12.10
C VAL D 142 -27.68 5.39 11.48
N LEU D 143 -26.86 4.35 11.64
CA LEU D 143 -27.18 3.06 11.04
C LEU D 143 -28.58 2.56 11.36
N PRO D 144 -29.14 2.76 12.56
CA PRO D 144 -30.52 2.28 12.80
C PRO D 144 -31.55 2.88 11.87
N VAL D 145 -31.28 4.01 11.22
CA VAL D 145 -32.28 4.64 10.35
C VAL D 145 -31.74 4.73 8.94
N MET D 146 -30.92 3.75 8.54
CA MET D 146 -30.40 3.68 7.19
C MET D 146 -30.98 2.48 6.46
N ASN D 147 -31.31 2.67 5.19
CA ASN D 147 -31.79 1.59 4.36
C ASN D 147 -30.66 0.64 4.01
N ARG D 148 -31.01 -0.63 3.78
CA ARG D 148 -30.09 -1.54 3.14
C ARG D 148 -29.71 -0.99 1.77
N GLY D 149 -28.45 -1.21 1.37
CA GLY D 149 -27.93 -0.63 0.17
C GLY D 149 -27.47 0.80 0.31
N GLY D 150 -27.51 1.34 1.53
CA GLY D 150 -27.14 2.71 1.77
C GLY D 150 -25.63 2.88 1.81
N SER D 151 -25.21 4.14 2.01
CA SER D 151 -23.80 4.46 1.84
C SER D 151 -23.40 5.51 2.86
N ILE D 152 -22.30 5.28 3.56
CA ILE D 152 -21.66 6.29 4.42
C ILE D 152 -20.35 6.69 3.76
N VAL D 153 -20.10 8.00 3.66
CA VAL D 153 -18.88 8.49 3.01
C VAL D 153 -18.22 9.51 3.91
N GLY D 154 -16.91 9.33 4.17
CA GLY D 154 -16.16 10.31 4.95
C GLY D 154 -15.05 10.95 4.12
N MET D 155 -14.51 12.06 4.59
CA MET D 155 -13.48 12.77 3.85
C MET D 155 -12.10 12.46 4.43
N ASP D 156 -11.12 12.32 3.54
CA ASP D 156 -9.79 11.86 3.89
C ASP D 156 -8.80 12.79 3.19
N PHE D 157 -7.60 12.89 3.74
CA PHE D 157 -6.46 13.50 3.07
C PHE D 157 -5.34 12.49 3.21
N ASP D 158 -4.83 11.95 2.08
CA ASP D 158 -3.95 10.76 2.10
C ASP D 158 -2.81 10.85 3.11
N PRO D 159 -2.81 10.01 4.18
CA PRO D 159 -1.79 10.12 5.21
C PRO D 159 -0.73 9.03 5.11
N THR D 160 -0.63 8.40 3.93
CA THR D 160 0.27 7.26 3.76
C THR D 160 1.72 7.63 4.03
N ARG D 161 2.09 8.87 3.70
CA ARG D 161 3.43 9.40 3.93
CA ARG D 161 3.43 9.41 3.91
C ARG D 161 3.35 10.64 4.81
N ALA D 162 4.39 10.88 5.58
CA ALA D 162 4.41 12.07 6.41
C ALA D 162 4.68 13.30 5.54
N MET D 163 4.31 14.46 6.05
CA MET D 163 4.42 15.66 5.25
CA MET D 163 4.27 15.69 5.25
C MET D 163 4.57 16.87 6.17
N PRO D 164 5.10 17.97 5.65
CA PRO D 164 5.17 19.20 6.47
C PRO D 164 3.78 19.68 6.84
N ALA D 165 3.68 20.37 7.98
CA ALA D 165 2.50 21.13 8.41
C ALA D 165 1.31 20.29 8.84
N TYR D 166 0.98 19.25 8.08
CA TYR D 166 -0.26 18.55 8.37
C TYR D 166 -0.16 17.77 9.69
N ASN D 167 1.07 17.38 10.04
CA ASN D 167 1.48 16.94 11.38
C ASN D 167 0.46 15.99 12.01
N TRP D 168 -0.13 16.37 13.14
CA TRP D 168 -0.98 15.41 13.83
C TRP D 168 -2.30 15.18 13.13
N MET D 169 -2.74 16.10 12.27
CA MET D 169 -3.93 15.79 11.49
C MET D 169 -3.67 14.60 10.58
N THR D 170 -2.43 14.44 10.11
CA THR D 170 -2.07 13.25 9.33
C THR D 170 -2.29 11.97 10.14
N VAL D 171 -1.96 12.03 11.42
CA VAL D 171 -2.12 10.87 12.28
C VAL D 171 -3.59 10.56 12.47
N ALA D 172 -4.37 11.61 12.66
CA ALA D 172 -5.82 11.46 12.76
C ALA D 172 -6.39 10.84 11.50
N LYS D 173 -5.91 11.24 10.31
CA LYS D 173 -6.44 10.64 9.08
C LYS D 173 -6.01 9.18 8.95
N SER D 174 -4.79 8.85 9.36
CA SER D 174 -4.39 7.46 9.39
C SER D 174 -5.34 6.67 10.29
N ALA D 175 -5.68 7.24 11.43
CA ALA D 175 -6.62 6.57 12.31
C ALA D 175 -7.98 6.46 11.64
N LEU D 176 -8.45 7.55 11.02
CA LEU D 176 -9.73 7.54 10.31
C LEU D 176 -9.80 6.41 9.27
N GLU D 177 -8.72 6.21 8.50
CA GLU D 177 -8.74 5.13 7.51
C GLU D 177 -8.96 3.78 8.18
N SER D 178 -8.30 3.54 9.31
CA SER D 178 -8.47 2.29 10.02
C SER D 178 -9.90 2.16 10.55
N VAL D 179 -10.43 3.23 11.17
CA VAL D 179 -11.82 3.25 11.64
C VAL D 179 -12.78 2.92 10.51
N ASN D 180 -12.54 3.49 9.33
CA ASN D 180 -13.41 3.23 8.18
C ASN D 180 -13.50 1.74 7.87
N ARG D 181 -12.40 1.00 8.02
CA ARG D 181 -12.46 -0.42 7.67
C ARG D 181 -13.28 -1.22 8.68
N PHE D 182 -13.25 -0.80 9.97
CA PHE D 182 -14.09 -1.45 10.97
C PHE D 182 -15.54 -1.02 10.83
N VAL D 183 -15.77 0.25 10.53
CA VAL D 183 -17.14 0.71 10.31
C VAL D 183 -17.75 -0.05 9.15
N ALA D 184 -16.95 -0.33 8.11
CA ALA D 184 -17.45 -1.10 6.98
C ALA D 184 -17.87 -2.49 7.42
N ARG D 185 -17.08 -3.14 8.28
CA ARG D 185 -17.49 -4.46 8.78
C ARG D 185 -18.84 -4.40 9.51
N GLU D 186 -19.00 -3.39 10.37
CA GLU D 186 -20.23 -3.25 11.16
C GLU D 186 -21.40 -2.82 10.29
N ALA D 187 -21.19 -1.80 9.44
CA ALA D 187 -22.26 -1.35 8.56
C ALA D 187 -22.69 -2.44 7.58
N GLY D 188 -21.74 -3.27 7.14
CA GLY D 188 -22.08 -4.30 6.17
C GLY D 188 -23.08 -5.30 6.71
N LYS D 189 -23.11 -5.47 8.03
CA LYS D 189 -24.06 -6.41 8.63
C LYS D 189 -25.51 -6.00 8.36
N VAL D 190 -25.76 -4.71 8.11
CA VAL D 190 -27.09 -4.25 7.75
C VAL D 190 -27.13 -3.71 6.32
N GLY D 191 -26.20 -4.15 5.47
CA GLY D 191 -26.28 -3.82 4.06
C GLY D 191 -25.81 -2.44 3.68
N VAL D 192 -25.02 -1.78 4.52
CA VAL D 192 -24.58 -0.41 4.26
C VAL D 192 -23.09 -0.40 3.99
N ARG D 193 -22.68 0.38 2.98
CA ARG D 193 -21.27 0.57 2.63
C ARG D 193 -20.67 1.74 3.42
N SER D 194 -19.35 1.70 3.62
CA SER D 194 -18.62 2.81 4.23
C SER D 194 -17.34 3.05 3.43
N ASN D 195 -17.12 4.28 2.98
CA ASN D 195 -15.91 4.58 2.23
C ASN D 195 -15.42 5.98 2.53
N LEU D 196 -14.14 6.22 2.24
CA LEU D 196 -13.58 7.57 2.32
C LEU D 196 -13.25 8.07 0.92
N VAL D 197 -13.36 9.38 0.73
CA VAL D 197 -12.78 10.06 -0.44
C VAL D 197 -11.52 10.77 0.02
N ALA D 198 -10.38 10.39 -0.54
CA ALA D 198 -9.10 11.08 -0.30
C ALA D 198 -8.96 12.19 -1.32
N ALA D 199 -9.28 13.42 -0.91
CA ALA D 199 -9.29 14.56 -1.82
C ALA D 199 -7.91 15.19 -1.92
N GLY D 200 -7.61 15.72 -3.11
CA GLY D 200 -6.50 16.66 -3.22
C GLY D 200 -6.77 17.90 -2.40
N PRO D 201 -5.75 18.74 -2.21
CA PRO D 201 -5.91 19.94 -1.39
C PRO D 201 -6.82 20.97 -2.05
N ILE D 202 -7.75 21.52 -1.25
CA ILE D 202 -8.64 22.59 -1.72
C ILE D 202 -8.27 23.85 -0.96
N ARG D 203 -7.86 24.88 -1.69
CA ARG D 203 -7.49 26.16 -1.07
C ARG D 203 -8.62 26.69 -0.20
N THR D 204 -8.26 27.20 0.98
CA THR D 204 -9.23 27.72 1.94
C THR D 204 -8.79 29.12 2.37
N LEU D 205 -9.68 30.08 2.25
CA LEU D 205 -9.43 31.44 2.71
C LEU D 205 -10.05 31.66 4.10
N ALA D 206 -9.40 32.51 4.88
CA ALA D 206 -9.90 32.88 6.20
C ALA D 206 -9.51 34.32 6.47
N MET D 207 -10.21 34.93 7.43
CA MET D 207 -9.98 36.32 7.78
C MET D 207 -9.02 36.42 8.96
N SER D 208 -8.10 37.37 8.89
CA SER D 208 -7.29 37.72 10.06
C SER D 208 -8.18 38.24 11.17
N ALA D 209 -7.93 37.78 12.40
CA ALA D 209 -8.81 38.05 13.54
C ALA D 209 -8.47 39.42 14.13
N ILE D 210 -8.78 40.45 13.36
CA ILE D 210 -8.44 41.83 13.72
C ILE D 210 -9.43 42.77 13.04
N VAL D 211 -9.75 43.88 13.71
CA VAL D 211 -10.61 44.88 13.10
C VAL D 211 -9.94 45.40 11.84
N GLY D 212 -10.69 45.38 10.73
CA GLY D 212 -10.12 45.65 9.42
C GLY D 212 -9.57 44.43 8.71
N GLY D 213 -9.85 43.23 9.20
CA GLY D 213 -9.22 42.04 8.67
C GLY D 213 -9.63 41.74 7.25
N ALA D 214 -8.74 41.04 6.53
CA ALA D 214 -8.94 40.65 5.14
C ALA D 214 -8.89 39.14 5.05
N LEU D 215 -9.31 38.63 3.88
CA LEU D 215 -9.20 37.22 3.57
C LEU D 215 -7.81 36.89 3.07
N GLY D 216 -7.39 35.65 3.31
CA GLY D 216 -6.12 35.17 2.80
C GLY D 216 -6.05 33.67 3.00
N ASP D 217 -5.08 33.07 2.32
CA ASP D 217 -4.90 31.62 2.40
C ASP D 217 -4.55 31.21 3.83
N GLU D 218 -5.23 30.19 4.34
CA GLU D 218 -4.93 29.67 5.68
C GLU D 218 -3.65 28.86 5.72
N ALA D 219 -3.19 28.33 4.58
CA ALA D 219 -1.99 27.51 4.57
C ALA D 219 -0.76 28.37 4.81
N GLY D 220 0.13 27.89 5.69
CA GLY D 220 1.42 28.53 5.83
C GLY D 220 2.33 28.21 4.64
N GLN D 221 3.51 28.86 4.62
CA GLN D 221 4.47 28.68 3.53
C GLN D 221 4.70 27.21 3.21
N GLN D 222 5.06 26.41 4.21
CA GLN D 222 5.39 25.00 3.95
C GLN D 222 4.18 24.25 3.43
N MET D 223 2.98 24.54 3.96
CA MET D 223 1.80 23.85 3.48
C MET D 223 1.44 24.28 2.06
N GLN D 224 1.57 25.57 1.75
CA GLN D 224 1.34 26.00 0.38
C GLN D 224 2.30 25.30 -0.60
N LEU D 225 3.58 25.18 -0.23
CA LEU D 225 4.51 24.50 -1.12
CA LEU D 225 4.51 24.50 -1.13
C LEU D 225 4.14 23.04 -1.31
N LEU D 226 3.77 22.37 -0.22
CA LEU D 226 3.27 21.00 -0.29
C LEU D 226 2.05 20.89 -1.23
N GLU D 227 1.03 21.71 -0.98
CA GLU D 227 -0.19 21.63 -1.78
C GLU D 227 0.07 21.90 -3.26
N GLU D 228 1.04 22.76 -3.59
CA GLU D 228 1.31 23.09 -4.99
C GLU D 228 1.86 21.91 -5.78
N GLY D 229 2.44 20.91 -5.10
CA GLY D 229 2.90 19.72 -5.80
C GLY D 229 1.80 18.94 -6.50
N TRP D 230 0.55 19.06 -6.05
CA TRP D 230 -0.49 18.22 -6.64
C TRP D 230 -0.66 18.51 -8.13
N ASP D 231 -0.88 19.78 -8.48
CA ASP D 231 -1.06 20.09 -9.90
C ASP D 231 0.17 19.69 -10.73
N GLN D 232 1.35 19.73 -10.14
CA GLN D 232 2.56 19.34 -10.89
C GLN D 232 2.58 17.84 -11.16
N ARG D 233 2.15 17.03 -10.18
CA ARG D 233 2.20 15.57 -10.26
C ARG D 233 1.02 15.01 -11.01
N ALA D 234 -0.12 15.66 -10.91
CA ALA D 234 -1.39 15.03 -11.33
C ALA D 234 -1.39 14.90 -12.84
N PRO D 235 -1.58 13.70 -13.39
CA PRO D 235 -1.61 13.57 -14.86
C PRO D 235 -2.67 14.40 -15.52
N ILE D 236 -3.79 14.66 -14.86
CA ILE D 236 -4.83 15.49 -15.42
C ILE D 236 -4.88 16.86 -14.76
N GLY D 237 -3.86 17.21 -13.99
CA GLY D 237 -3.85 18.46 -13.28
C GLY D 237 -4.72 18.42 -12.03
N TRP D 238 -4.59 19.48 -11.24
CA TRP D 238 -5.34 19.57 -10.00
C TRP D 238 -5.60 21.04 -9.74
N ASP D 239 -6.87 21.41 -9.64
CA ASP D 239 -7.25 22.81 -9.45
C ASP D 239 -7.65 23.00 -7.99
N MET D 240 -6.75 23.64 -7.21
CA MET D 240 -7.02 23.82 -5.79
C MET D 240 -8.22 24.72 -5.53
N LYS D 241 -8.70 25.43 -6.54
CA LYS D 241 -9.83 26.33 -6.36
C LYS D 241 -11.15 25.70 -6.74
N ASP D 242 -11.17 24.41 -7.07
CA ASP D 242 -12.38 23.80 -7.64
C ASP D 242 -12.79 22.61 -6.79
N PRO D 243 -13.77 22.77 -5.90
CA PRO D 243 -14.21 21.63 -5.08
C PRO D 243 -15.10 20.65 -5.82
N THR D 244 -15.50 20.97 -7.04
CA THR D 244 -16.54 20.20 -7.69
C THR D 244 -16.15 18.75 -7.99
N PRO D 245 -14.95 18.48 -8.51
CA PRO D 245 -14.60 17.07 -8.77
C PRO D 245 -14.66 16.21 -7.52
N VAL D 246 -14.32 16.79 -6.37
CA VAL D 246 -14.40 16.08 -5.10
C VAL D 246 -15.86 15.87 -4.71
N ALA D 247 -16.67 16.93 -4.82
CA ALA D 247 -18.10 16.77 -4.51
C ALA D 247 -18.74 15.70 -5.39
N LYS D 248 -18.40 15.67 -6.67
CA LYS D 248 -18.96 14.67 -7.57
CA LYS D 248 -18.98 14.67 -7.56
C LYS D 248 -18.55 13.26 -7.17
N THR D 249 -17.31 13.09 -6.72
CA THR D 249 -16.81 11.77 -6.33
C THR D 249 -17.55 11.26 -5.09
N VAL D 250 -17.83 12.16 -4.15
CA VAL D 250 -18.61 11.77 -2.98
C VAL D 250 -20.00 11.31 -3.42
N CYS D 251 -20.62 12.05 -4.35
CA CYS D 251 -21.93 11.62 -4.83
C CYS D 251 -21.87 10.28 -5.57
N ALA D 252 -20.78 10.03 -6.31
CA ALA D 252 -20.61 8.72 -6.94
C ALA D 252 -20.67 7.60 -5.90
N LEU D 253 -20.01 7.80 -4.75
CA LEU D 253 -20.06 6.78 -3.70
C LEU D 253 -21.42 6.71 -3.02
N LEU D 254 -22.13 7.83 -2.94
CA LEU D 254 -23.47 7.81 -2.38
C LEU D 254 -24.46 7.13 -3.32
N SER D 255 -24.14 7.07 -4.61
CA SER D 255 -25.01 6.46 -5.60
C SER D 255 -24.94 4.95 -5.52
N ASP D 256 -25.65 4.30 -6.45
CA ASP D 256 -25.66 2.85 -6.53
C ASP D 256 -24.68 2.33 -7.58
N TRP D 257 -23.74 3.18 -8.02
CA TRP D 257 -22.85 2.84 -9.13
C TRP D 257 -21.50 2.30 -8.69
N LEU D 258 -21.21 2.29 -7.39
CA LEU D 258 -20.08 1.55 -6.83
C LEU D 258 -20.61 0.61 -5.77
N PRO D 259 -21.47 -0.36 -6.16
CA PRO D 259 -22.22 -1.13 -5.16
C PRO D 259 -21.42 -2.22 -4.47
N ALA D 260 -20.21 -2.50 -4.92
CA ALA D 260 -19.39 -3.55 -4.31
C ALA D 260 -18.13 -2.96 -3.70
N THR D 261 -18.12 -1.66 -3.44
CA THR D 261 -16.96 -1.00 -2.88
C THR D 261 -17.26 -0.64 -1.42
N THR D 262 -16.48 -1.18 -0.48
CA THR D 262 -16.69 -0.79 0.91
C THR D 262 -15.41 -0.99 1.72
N GLY D 263 -15.33 -0.28 2.84
CA GLY D 263 -14.08 -0.22 3.59
C GLY D 263 -12.94 0.46 2.86
N ASP D 264 -13.25 1.23 1.83
CA ASP D 264 -12.23 1.58 0.85
C ASP D 264 -11.97 3.09 0.87
N ILE D 265 -11.00 3.49 0.06
CA ILE D 265 -10.56 4.88 -0.11
C ILE D 265 -10.54 5.19 -1.60
N ILE D 266 -11.35 6.14 -2.04
CA ILE D 266 -11.39 6.57 -3.45
C ILE D 266 -10.65 7.90 -3.54
N PHE D 267 -9.65 7.99 -4.42
CA PHE D 267 -8.85 9.21 -4.52
C PHE D 267 -9.45 10.14 -5.56
N ALA D 268 -9.71 11.38 -5.14
CA ALA D 268 -10.15 12.45 -6.02
C ALA D 268 -9.06 13.50 -5.94
N ASP D 269 -7.95 13.25 -6.64
CA ASP D 269 -6.76 14.05 -6.43
C ASP D 269 -6.01 14.31 -7.73
N GLY D 270 -6.69 14.16 -8.87
CA GLY D 270 -6.06 14.33 -10.18
C GLY D 270 -5.08 13.25 -10.57
N GLY D 271 -5.01 12.17 -9.80
CA GLY D 271 -4.01 11.15 -10.01
C GLY D 271 -2.69 11.43 -9.33
N ALA D 272 -2.61 12.49 -8.53
CA ALA D 272 -1.31 12.90 -8.00
C ALA D 272 -0.66 11.83 -7.14
N HIS D 273 -1.43 11.06 -6.38
CA HIS D 273 -0.75 10.12 -5.52
C HIS D 273 -0.17 8.92 -6.26
N THR D 274 -0.39 8.80 -7.57
CA THR D 274 0.10 7.67 -8.39
C THR D 274 1.42 7.98 -9.10
N GLN D 275 1.97 9.18 -8.89
CA GLN D 275 3.11 9.70 -9.64
C GLN D 275 4.14 10.25 -8.67
N LEU D 276 5.40 10.14 -9.05
CA LEU D 276 6.51 10.66 -8.27
C LEU D 276 7.42 11.48 -9.18
N LEU D 277 7.63 12.75 -8.84
CA LEU D 277 8.61 13.57 -9.55
C LEU D 277 9.90 13.76 -8.73
#